data_3X1B
#
_entry.id   3X1B
#
_cell.length_a   99.266
_cell.length_b   188.676
_cell.length_c   65.414
_cell.angle_alpha   90.00
_cell.angle_beta   90.00
_cell.angle_gamma   90.00
#
_symmetry.space_group_name_H-M   'P 21 21 2'
#
loop_
_entity.id
_entity.type
_entity.pdbx_description
1 polymer laccase
2 branched alpha-D-mannopyranose-(1-3)-[alpha-D-mannopyranose-(1-6)]alpha-D-mannopyranose-(1-6)-beta-D-mannopyranose-(1-4)-2-acetamido-2-deoxy-beta-D-glucopyranose-(1-4)-2-acetamido-2-deoxy-beta-D-glucopyranose
3 branched alpha-D-mannopyranose-(1-3)-alpha-D-mannopyranose-(1-6)-[alpha-D-mannopyranose-(1-3)]beta-D-mannopyranose-(1-4)-2-acetamido-2-deoxy-beta-D-glucopyranose-(1-4)-2-acetamido-2-deoxy-beta-D-glucopyranose
4 branched alpha-D-mannopyranose-(1-3)-[alpha-D-mannopyranose-(1-6)]alpha-D-mannopyranose-(1-6)-[alpha-D-mannopyranose-(1-3)]beta-D-mannopyranose-(1-4)-2-acetamido-2-deoxy-beta-D-glucopyranose-(1-4)-2-acetamido-2-deoxy-beta-D-glucopyranose
5 non-polymer 2-acetamido-2-deoxy-beta-D-glucopyranose
6 non-polymer 'COPPER (II) ION'
7 water water
#
_entity_poly.entity_id   1
_entity_poly.type   'polypeptide(L)'
_entity_poly.pdbx_seq_one_letter_code
;MKALSFLTPIVTLALVAGAFASVGPVANLKIGNAAVSPDGYTRDAVVVNGATPGPLIVGNKGDNFRLNVIDELTNHTMLK
STSIHWHGFFQHGTNWADGGAFVNQCPISSGHSFSYNFQAKDQAGTFWYHSHLSTQYCDGLRGPFVVYDPKDPHKKLYDV
DNESTVITLEDWYHTAARLGPRFPLGSDSTLINGLGRSATTATGDLAVIKVTRGKRYRFRLVSLSCDPFYTFSIDGHNMT
IIEADAVNTKPHTVDSLEIFAGQRYSFILNANQPVDNYWVRANPNFGNVGFTNGINSAILRYDGAAVAEPATAIPPASVT
PLLETDLHPLVSTPVPGSPVAGGVDKALNFVFNFDGTNFFINDATFTPPSVPVLLQILSGAQAAQDLLPSGSVIPLPALS
TIELSFPATANAPGVPHPFHLHGHTFAVVRSAGSTAYNYEDPVWRDVVSTGTPAAGDNVTIRFVTDNPGPWFLHCHIDFH
LEAGFAVVFAEDLPGTPAANPVPQSWSDLCPIYDALAEDDQ
;
_entity_poly.pdbx_strand_id   A,B
#
# COMPACT_ATOMS: atom_id res chain seq x y z
N SER A 22 16.61 -20.50 24.01
CA SER A 22 16.28 -19.24 24.75
C SER A 22 17.20 -19.06 25.94
N VAL A 23 17.23 -17.85 26.48
CA VAL A 23 18.04 -17.53 27.67
C VAL A 23 17.20 -16.73 28.65
N GLY A 24 17.67 -16.64 29.90
CA GLY A 24 17.02 -15.80 30.90
C GLY A 24 16.24 -16.66 31.88
N PRO A 25 15.81 -16.05 33.00
CA PRO A 25 15.85 -14.60 33.28
C PRO A 25 17.22 -14.06 33.74
N VAL A 26 18.16 -14.95 34.07
CA VAL A 26 19.53 -14.55 34.34
C VAL A 26 20.37 -15.05 33.18
N ALA A 27 21.03 -14.15 32.47
CA ALA A 27 21.78 -14.54 31.29
C ALA A 27 22.85 -13.51 30.92
N ASN A 28 23.87 -13.99 30.21
CA ASN A 28 24.82 -13.16 29.49
C ASN A 28 24.35 -12.95 28.05
N LEU A 29 24.43 -11.70 27.61
CA LEU A 29 24.15 -11.33 26.22
C LEU A 29 25.39 -10.70 25.60
N LYS A 30 26.12 -11.49 24.80
CA LYS A 30 27.35 -11.03 24.16
C LYS A 30 26.97 -10.30 22.89
N ILE A 31 27.34 -9.03 22.81
CA ILE A 31 27.01 -8.19 21.67
C ILE A 31 28.27 -8.09 20.82
N GLY A 32 28.23 -8.61 19.60
CA GLY A 32 29.40 -8.65 18.72
C GLY A 32 29.09 -8.35 17.27
N ASN A 33 30.15 -8.25 16.47
CA ASN A 33 29.95 -8.11 15.04
C ASN A 33 30.16 -9.45 14.37
N ALA A 34 29.35 -9.72 13.34
CA ALA A 34 29.47 -10.96 12.59
C ALA A 34 28.93 -10.76 11.18
N ALA A 35 29.48 -11.51 10.22
CA ALA A 35 28.88 -11.60 8.90
C ALA A 35 27.69 -12.55 8.95
N VAL A 36 26.55 -12.10 8.43
CA VAL A 36 25.32 -12.88 8.47
C VAL A 36 24.67 -12.91 7.09
N SER A 37 23.78 -13.86 6.84
CA SER A 37 23.09 -13.88 5.55
C SER A 37 21.63 -14.31 5.69
N PRO A 38 20.81 -13.49 6.38
CA PRO A 38 19.44 -13.95 6.67
C PRO A 38 18.54 -14.06 5.45
N ASP A 39 18.86 -13.28 4.42
CA ASP A 39 18.12 -13.36 3.17
C ASP A 39 18.99 -13.84 2.03
N GLY A 40 20.02 -14.60 2.39
CA GLY A 40 20.95 -15.17 1.42
C GLY A 40 21.99 -14.22 0.84
N TYR A 41 22.04 -12.99 1.35
CA TYR A 41 23.08 -12.02 1.00
C TYR A 41 23.90 -11.79 2.28
N THR A 42 25.22 -11.93 2.18
CA THR A 42 26.12 -11.75 3.32
C THR A 42 26.46 -10.28 3.59
N ARG A 43 26.18 -9.83 4.80
CA ARG A 43 26.65 -8.52 5.24
C ARG A 43 27.07 -8.54 6.71
N ASP A 44 27.91 -7.58 7.09
CA ASP A 44 28.30 -7.43 8.48
C ASP A 44 27.16 -6.85 9.30
N ALA A 45 26.99 -7.38 10.51
CA ALA A 45 25.87 -6.97 11.35
C ALA A 45 26.28 -6.90 12.82
N VAL A 46 25.36 -6.40 13.65
CA VAL A 46 25.50 -6.47 15.11
C VAL A 46 24.63 -7.67 15.54
N VAL A 47 25.23 -8.61 16.28
CA VAL A 47 24.52 -9.83 16.67
C VAL A 47 24.53 -10.01 18.19
N VAL A 48 23.65 -10.87 18.69
CA VAL A 48 23.51 -11.12 20.11
C VAL A 48 23.70 -12.62 20.29
N ASN A 49 24.69 -13.01 21.10
CA ASN A 49 25.06 -14.43 21.22
C ASN A 49 25.21 -15.10 19.86
N GLY A 50 25.84 -14.38 18.93
CA GLY A 50 26.16 -14.91 17.62
C GLY A 50 25.03 -14.82 16.59
N ALA A 51 23.86 -14.31 16.97
CA ALA A 51 22.72 -14.33 16.07
C ALA A 51 22.01 -12.99 15.90
N THR A 52 21.45 -12.77 14.72
CA THR A 52 20.45 -11.76 14.55
C THR A 52 19.30 -12.34 13.70
N PRO A 53 18.06 -12.14 14.14
CA PRO A 53 17.70 -11.49 15.38
C PRO A 53 18.24 -12.28 16.58
N GLY A 54 18.29 -11.61 17.73
CA GLY A 54 18.91 -12.19 18.93
C GLY A 54 18.04 -13.29 19.50
N PRO A 55 18.59 -14.05 20.46
CA PRO A 55 17.84 -15.14 21.07
C PRO A 55 16.62 -14.63 21.83
N LEU A 56 15.61 -15.49 21.93
CA LEU A 56 14.46 -15.28 22.79
C LEU A 56 14.93 -15.19 24.25
N ILE A 57 14.60 -14.10 24.94
CA ILE A 57 14.80 -14.00 26.38
C ILE A 57 13.49 -14.38 27.06
N VAL A 58 13.57 -15.22 28.10
CA VAL A 58 12.37 -15.69 28.79
C VAL A 58 12.44 -15.51 30.31
N GLY A 59 11.26 -15.45 30.92
CA GLY A 59 11.12 -15.53 32.38
C GLY A 59 9.64 -15.67 32.65
N ASN A 60 9.27 -15.71 33.92
CA ASN A 60 7.87 -15.75 34.35
C ASN A 60 7.45 -14.46 35.02
N LYS A 61 6.14 -14.22 35.05
CA LYS A 61 5.60 -13.04 35.71
C LYS A 61 6.21 -12.87 37.09
N GLY A 62 6.70 -11.67 37.38
CA GLY A 62 7.31 -11.33 38.66
C GLY A 62 8.79 -11.64 38.83
N ASP A 63 9.38 -12.34 37.85
CA ASP A 63 10.79 -12.72 37.94
C ASP A 63 11.72 -11.50 37.98
N ASN A 64 12.84 -11.66 38.68
CA ASN A 64 13.93 -10.69 38.60
C ASN A 64 14.85 -11.13 37.49
N PHE A 65 15.08 -10.20 36.56
CA PHE A 65 15.97 -10.40 35.43
C PHE A 65 17.30 -9.78 35.77
N ARG A 66 18.37 -10.48 35.43
CA ARG A 66 19.73 -9.94 35.54
C ARG A 66 20.33 -10.27 34.18
N LEU A 67 20.35 -9.26 33.32
CA LEU A 67 20.76 -9.47 31.94
C LEU A 67 22.08 -8.76 31.75
N ASN A 68 23.15 -9.55 31.70
CA ASN A 68 24.50 -9.02 31.66
C ASN A 68 24.93 -8.80 30.21
N VAL A 69 24.96 -7.54 29.81
CA VAL A 69 25.21 -7.18 28.42
C VAL A 69 26.72 -6.98 28.28
N ILE A 70 27.33 -7.82 27.47
CA ILE A 70 28.78 -7.85 27.31
C ILE A 70 29.10 -7.30 25.94
N ASP A 71 29.71 -6.12 25.91
CA ASP A 71 29.94 -5.42 24.63
C ASP A 71 31.29 -5.84 24.05
N GLU A 72 31.26 -6.59 22.95
CA GLU A 72 32.45 -7.07 22.24
C GLU A 72 32.54 -6.47 20.82
N LEU A 73 31.82 -5.38 20.57
CA LEU A 73 31.79 -4.78 19.23
C LEU A 73 33.14 -4.18 18.81
N THR A 74 33.51 -4.36 17.55
CA THR A 74 34.77 -3.83 17.04
C THR A 74 34.57 -2.87 15.87
N ASN A 75 33.35 -2.79 15.37
CA ASN A 75 33.12 -2.04 14.14
C ASN A 75 32.48 -0.67 14.37
N HIS A 76 33.25 0.42 14.28
CA HIS A 76 32.69 1.74 14.54
C HIS A 76 31.57 2.15 13.57
N THR A 77 31.59 1.61 12.37
CA THR A 77 30.56 1.97 11.38
C THR A 77 29.15 1.58 11.84
N MET A 78 29.06 0.58 12.71
CA MET A 78 27.79 0.19 13.27
C MET A 78 27.73 0.52 14.76
N LEU A 79 28.73 1.27 15.22
CA LEU A 79 28.96 1.73 16.60
C LEU A 79 29.52 0.65 17.52
N LYS A 80 30.58 1.00 18.23
CA LYS A 80 31.22 0.03 19.12
C LYS A 80 30.56 0.04 20.49
N SER A 81 29.83 1.11 20.79
CA SER A 81 29.12 1.25 22.07
C SER A 81 27.72 0.66 21.87
N THR A 82 27.00 0.45 22.97
CA THR A 82 25.62 0.01 22.85
C THR A 82 24.81 0.39 24.10
N SER A 83 23.50 0.32 24.00
CA SER A 83 22.62 0.52 25.14
C SER A 83 21.36 -0.27 24.83
N ILE A 84 20.89 -1.14 25.71
CA ILE A 84 19.74 -1.98 25.37
C ILE A 84 18.50 -1.57 26.12
N HIS A 85 17.41 -1.42 25.38
CA HIS A 85 16.11 -1.11 25.95
C HIS A 85 15.25 -2.37 25.96
N TRP A 86 14.52 -2.58 27.06
CA TRP A 86 13.66 -3.75 27.21
C TRP A 86 12.23 -3.24 26.97
N HIS A 87 11.76 -3.41 25.73
CA HIS A 87 10.61 -2.64 25.27
C HIS A 87 9.34 -3.17 25.90
N GLY A 88 8.67 -2.29 26.65
CA GLY A 88 7.39 -2.64 27.26
C GLY A 88 7.46 -2.73 28.77
N PHE A 89 8.65 -2.93 29.33
CA PHE A 89 8.80 -3.04 30.80
C PHE A 89 8.68 -1.68 31.49
N PHE A 90 7.90 -1.61 32.58
CA PHE A 90 7.70 -0.32 33.25
C PHE A 90 8.94 0.23 33.94
N GLN A 91 9.86 -0.65 34.34
CA GLN A 91 11.10 -0.24 35.01
C GLN A 91 10.85 0.64 36.25
N HIS A 92 9.79 0.33 36.99
CA HIS A 92 9.44 1.10 38.18
C HIS A 92 10.58 1.04 39.19
N GLY A 93 11.13 2.20 39.52
CA GLY A 93 12.27 2.28 40.42
C GLY A 93 13.58 1.79 39.84
N THR A 94 13.59 1.44 38.55
CA THR A 94 14.83 1.03 37.87
C THR A 94 14.99 1.78 36.55
N ASN A 95 14.65 3.07 36.58
CA ASN A 95 14.77 3.93 35.40
C ASN A 95 16.13 3.81 34.73
N TRP A 96 17.17 3.62 35.55
CA TRP A 96 18.56 3.51 35.08
C TRP A 96 18.80 2.30 34.18
N ALA A 97 17.84 1.38 34.18
CA ALA A 97 17.94 0.13 33.40
C ALA A 97 17.12 0.20 32.11
N ASP A 98 16.42 1.30 31.88
CA ASP A 98 15.50 1.42 30.74
C ASP A 98 16.19 1.43 29.37
N GLY A 99 17.42 1.90 29.31
CA GLY A 99 18.23 1.73 28.12
C GLY A 99 18.23 2.83 27.06
N GLY A 100 17.46 3.91 27.25
CA GLY A 100 17.48 4.98 26.26
C GLY A 100 18.82 5.71 26.30
N ALA A 101 19.58 5.66 25.21
CA ALA A 101 20.90 6.30 25.24
C ALA A 101 20.80 7.81 25.50
N PHE A 102 21.55 8.31 26.49
CA PHE A 102 21.60 9.73 26.86
C PHE A 102 20.32 10.24 27.50
N VAL A 103 19.44 9.30 27.84
CA VAL A 103 18.25 9.60 28.65
C VAL A 103 18.33 8.85 29.96
N ASN A 104 18.43 7.52 29.87
CA ASN A 104 18.53 6.68 31.05
C ASN A 104 19.93 6.24 31.44
N GLN A 105 20.87 6.33 30.50
CA GLN A 105 22.27 5.96 30.74
C GLN A 105 23.18 6.53 29.64
N CYS A 106 24.49 6.57 29.89
CA CYS A 106 25.45 6.67 28.81
C CYS A 106 25.63 5.27 28.26
N PRO A 107 26.04 5.16 26.99
CA PRO A 107 26.24 3.86 26.37
C PRO A 107 27.30 3.03 27.09
N ILE A 108 27.13 1.71 27.02
CA ILE A 108 28.17 0.75 27.40
C ILE A 108 29.29 0.86 26.36
N SER A 109 30.53 0.79 26.81
CA SER A 109 31.68 0.88 25.92
C SER A 109 32.23 -0.49 25.56
N SER A 110 32.80 -0.62 24.37
CA SER A 110 33.32 -1.92 23.95
C SER A 110 34.37 -2.38 24.96
N GLY A 111 34.42 -3.69 25.18
CA GLY A 111 35.35 -4.29 26.13
C GLY A 111 34.84 -4.24 27.56
N HIS A 112 33.59 -3.82 27.73
CA HIS A 112 32.96 -3.73 29.04
C HIS A 112 31.64 -4.47 29.08
N SER A 113 31.18 -4.75 30.30
CA SER A 113 29.87 -5.35 30.55
C SER A 113 29.03 -4.43 31.44
N PHE A 114 27.72 -4.60 31.38
CA PHE A 114 26.80 -3.85 32.24
C PHE A 114 25.55 -4.68 32.47
N SER A 115 25.19 -4.86 33.74
CA SER A 115 24.08 -5.75 34.09
C SER A 115 22.76 -4.99 34.26
N TYR A 116 21.79 -5.32 33.43
CA TYR A 116 20.46 -4.73 33.58
C TYR A 116 19.66 -5.61 34.53
N ASN A 117 19.39 -5.08 35.72
CA ASN A 117 18.73 -5.84 36.78
C ASN A 117 17.39 -5.21 37.09
N PHE A 118 16.32 -5.91 36.72
CA PHE A 118 14.99 -5.33 36.84
C PHE A 118 13.97 -6.44 36.99
N GLN A 119 12.74 -6.05 37.32
CA GLN A 119 11.70 -7.02 37.62
C GLN A 119 10.50 -6.91 36.67
N ALA A 120 9.96 -8.05 36.26
CA ALA A 120 8.69 -8.10 35.53
C ALA A 120 7.56 -8.01 36.56
N LYS A 121 7.49 -6.86 37.22
CA LYS A 121 6.60 -6.64 38.35
C LYS A 121 5.19 -6.41 37.84
N ASP A 122 4.30 -7.35 38.15
CA ASP A 122 2.91 -7.30 37.68
C ASP A 122 2.83 -7.22 36.15
N GLN A 123 3.83 -7.75 35.44
CA GLN A 123 3.76 -7.76 33.99
C GLN A 123 3.98 -9.16 33.45
N ALA A 124 3.24 -9.49 32.40
CA ALA A 124 3.47 -10.74 31.68
C ALA A 124 2.90 -10.57 30.28
N GLY A 125 3.58 -11.15 29.30
CA GLY A 125 3.12 -11.04 27.92
C GLY A 125 4.31 -11.01 26.97
N THR A 126 4.10 -10.41 25.82
CA THR A 126 5.09 -10.44 24.74
C THR A 126 5.80 -9.10 24.64
N PHE A 127 7.14 -9.15 24.67
CA PHE A 127 7.95 -7.94 24.70
C PHE A 127 9.04 -8.10 23.66
N TRP A 128 9.97 -7.13 23.61
CA TRP A 128 11.18 -7.33 22.83
C TRP A 128 12.31 -6.47 23.37
N TYR A 129 13.52 -6.68 22.85
CA TYR A 129 14.64 -5.88 23.28
C TYR A 129 15.40 -5.41 22.05
N HIS A 130 16.01 -4.24 22.18
CA HIS A 130 16.73 -3.68 21.02
C HIS A 130 17.74 -2.65 21.48
N SER A 131 18.79 -2.45 20.68
CA SER A 131 19.67 -1.31 20.92
C SER A 131 18.84 -0.04 20.92
N HIS A 132 19.14 0.87 21.84
CA HIS A 132 18.50 2.19 21.85
C HIS A 132 19.58 3.25 21.72
N LEU A 133 20.63 2.94 20.95
CA LEU A 133 21.68 3.92 20.63
C LEU A 133 21.57 4.20 19.13
N SER A 134 21.24 5.44 18.77
CA SER A 134 21.10 5.85 17.37
C SER A 134 20.29 4.80 16.58
N THR A 135 20.74 4.42 15.40
CA THR A 135 20.01 3.44 14.57
C THR A 135 20.61 2.04 14.62
N GLN A 136 21.30 1.76 15.71
CA GLN A 136 22.02 0.51 15.79
C GLN A 136 21.09 -0.71 15.81
N TYR A 137 19.85 -0.59 16.29
CA TYR A 137 19.03 -1.80 16.23
C TYR A 137 18.72 -2.26 14.80
N CYS A 138 18.78 -1.32 13.86
CA CYS A 138 18.54 -1.68 12.46
C CYS A 138 19.66 -2.58 11.94
N ASP A 139 20.86 -2.42 12.48
CA ASP A 139 22.00 -3.25 12.08
C ASP A 139 22.02 -4.65 12.72
N GLY A 140 21.02 -4.96 13.54
CA GLY A 140 20.80 -6.34 13.95
C GLY A 140 20.54 -6.56 15.43
N LEU A 141 20.75 -5.54 16.26
CA LEU A 141 20.65 -5.75 17.72
C LEU A 141 19.18 -5.65 18.16
N ARG A 142 18.43 -6.74 18.04
CA ARG A 142 17.00 -6.77 18.34
C ARG A 142 16.56 -8.23 18.43
N GLY A 143 15.65 -8.53 19.33
CA GLY A 143 15.17 -9.91 19.49
C GLY A 143 13.92 -9.88 20.36
N PRO A 144 13.22 -11.02 20.46
CA PRO A 144 11.96 -11.14 21.19
C PRO A 144 12.18 -11.44 22.66
N PHE A 145 11.20 -11.16 23.50
CA PHE A 145 11.36 -11.33 24.94
C PHE A 145 9.98 -11.71 25.45
N VAL A 146 9.83 -12.90 26.04
CA VAL A 146 8.51 -13.33 26.50
C VAL A 146 8.53 -13.55 28.01
N VAL A 147 7.56 -12.94 28.69
CA VAL A 147 7.34 -13.24 30.10
C VAL A 147 6.08 -14.10 30.24
N TYR A 148 6.25 -15.37 30.59
CA TYR A 148 5.13 -16.30 30.72
C TYR A 148 4.34 -16.03 31.99
N ASP A 149 3.04 -16.30 31.92
CA ASP A 149 2.19 -16.22 33.10
C ASP A 149 1.76 -17.65 33.47
N PRO A 150 2.25 -18.18 34.59
CA PRO A 150 1.87 -19.54 34.99
C PRO A 150 0.37 -19.66 35.25
N LYS A 151 -0.28 -18.53 35.47
CA LYS A 151 -1.73 -18.48 35.65
C LYS A 151 -2.42 -17.70 34.53
N ASP A 152 -1.87 -17.78 33.32
CA ASP A 152 -2.42 -17.04 32.18
C ASP A 152 -3.92 -17.29 32.08
N PRO A 153 -4.73 -16.21 32.15
CA PRO A 153 -6.17 -16.37 32.07
C PRO A 153 -6.61 -16.90 30.70
N HIS A 154 -5.75 -16.82 29.69
CA HIS A 154 -6.06 -17.35 28.37
C HIS A 154 -5.57 -18.78 28.15
N LYS A 155 -4.98 -19.41 29.15
CA LYS A 155 -4.31 -20.69 28.90
C LYS A 155 -5.21 -21.81 28.39
N LYS A 156 -6.50 -21.80 28.73
CA LYS A 156 -7.41 -22.84 28.22
C LYS A 156 -7.66 -22.79 26.71
N LEU A 157 -7.26 -21.68 26.08
CA LEU A 157 -7.48 -21.48 24.66
C LEU A 157 -6.42 -22.11 23.76
N TYR A 158 -5.33 -22.60 24.34
CA TYR A 158 -4.27 -23.15 23.48
C TYR A 158 -3.50 -24.28 24.12
N ASP A 159 -2.84 -25.06 23.27
CA ASP A 159 -2.07 -26.22 23.69
C ASP A 159 -0.56 -25.95 23.67
N VAL A 160 -0.11 -25.08 22.77
CA VAL A 160 1.32 -24.91 22.55
C VAL A 160 1.68 -23.42 22.62
N ASP A 161 2.65 -23.11 23.48
CA ASP A 161 3.15 -21.74 23.65
C ASP A 161 4.60 -21.84 24.08
N ASN A 162 5.51 -21.68 23.14
CA ASN A 162 6.92 -21.88 23.46
C ASN A 162 7.81 -21.14 22.47
N GLU A 163 9.10 -21.49 22.45
CA GLU A 163 10.05 -20.82 21.55
C GLU A 163 9.72 -20.95 20.06
N SER A 164 9.08 -22.05 19.70
CA SER A 164 8.69 -22.27 18.31
C SER A 164 7.38 -21.57 17.93
N THR A 165 6.73 -20.86 18.86
CA THR A 165 5.53 -20.08 18.54
C THR A 165 5.72 -18.57 18.60
N VAL A 166 6.96 -18.14 18.79
CA VAL A 166 7.30 -16.73 18.65
C VAL A 166 7.53 -16.45 17.17
N ILE A 167 6.88 -15.41 16.66
CA ILE A 167 7.07 -15.01 15.27
C ILE A 167 7.60 -13.59 15.24
N THR A 168 8.84 -13.41 14.76
CA THR A 168 9.40 -12.07 14.65
C THR A 168 9.33 -11.59 13.21
N LEU A 169 9.07 -10.28 13.05
CA LEU A 169 9.10 -9.61 11.75
C LEU A 169 10.19 -8.53 11.77
N GLU A 170 11.00 -8.50 10.72
CA GLU A 170 12.07 -7.51 10.60
C GLU A 170 12.18 -6.99 9.20
N ASP A 171 12.53 -5.72 9.09
CA ASP A 171 12.98 -5.14 7.82
C ASP A 171 14.49 -5.32 7.77
N TRP A 172 15.01 -5.75 6.64
CA TRP A 172 16.45 -6.01 6.54
C TRP A 172 17.03 -5.24 5.35
N TYR A 173 18.18 -4.60 5.57
CA TYR A 173 18.82 -3.71 4.58
C TYR A 173 20.17 -4.29 4.18
N HIS A 174 20.49 -4.24 2.89
CA HIS A 174 21.83 -4.66 2.49
C HIS A 174 22.92 -3.64 2.73
N THR A 175 22.56 -2.37 2.83
CA THR A 175 23.49 -1.31 3.20
C THR A 175 23.25 -0.91 4.67
N ALA A 176 24.33 -0.85 5.45
CA ALA A 176 24.24 -0.58 6.88
C ALA A 176 23.57 0.76 7.20
N ALA A 177 22.98 0.83 8.39
CA ALA A 177 22.19 1.99 8.77
C ALA A 177 22.94 3.32 8.65
N ARG A 178 24.22 3.33 9.01
CA ARG A 178 25.01 4.59 8.99
C ARG A 178 25.68 4.86 7.64
N LEU A 179 25.49 3.94 6.70
CA LEU A 179 26.03 4.08 5.34
C LEU A 179 24.97 4.36 4.29
N GLY A 180 23.70 4.12 4.60
CA GLY A 180 22.61 4.32 3.66
C GLY A 180 21.96 5.69 3.81
N PRO A 181 20.81 5.90 3.16
CA PRO A 181 20.10 7.19 3.26
C PRO A 181 19.68 7.46 4.71
N ARG A 182 19.53 8.74 5.05
CA ARG A 182 18.97 9.17 6.34
C ARG A 182 17.57 8.60 6.52
N PHE A 183 16.81 8.58 5.42
CA PHE A 183 15.42 8.13 5.47
C PHE A 183 15.15 7.09 4.38
N PRO A 184 15.55 5.84 4.63
CA PRO A 184 15.30 4.79 3.64
C PRO A 184 13.82 4.70 3.29
N LEU A 185 13.55 4.33 2.04
CA LEU A 185 12.17 4.17 1.61
C LEU A 185 11.82 2.72 1.29
N GLY A 186 12.02 1.82 2.25
CA GLY A 186 11.82 0.39 2.02
C GLY A 186 13.11 -0.37 2.20
N SER A 187 12.97 -1.65 2.54
CA SER A 187 14.09 -2.53 2.83
C SER A 187 14.37 -3.52 1.70
N ASP A 188 15.48 -4.24 1.80
CA ASP A 188 15.85 -5.23 0.81
C ASP A 188 15.13 -6.56 0.99
N SER A 189 14.70 -6.83 2.21
CA SER A 189 13.91 -8.03 2.47
C SER A 189 13.10 -7.86 3.75
N THR A 190 12.06 -8.70 3.89
CA THR A 190 11.34 -8.85 5.13
C THR A 190 11.77 -10.20 5.67
N LEU A 191 12.17 -10.23 6.95
CA LEU A 191 12.58 -11.47 7.58
C LEU A 191 11.47 -11.90 8.54
N ILE A 192 11.05 -13.16 8.42
CA ILE A 192 10.10 -13.73 9.38
C ILE A 192 10.89 -14.79 10.13
N ASN A 193 10.97 -14.68 11.45
CA ASN A 193 11.84 -15.58 12.21
C ASN A 193 13.24 -15.63 11.63
N GLY A 194 13.74 -14.46 11.22
CA GLY A 194 15.14 -14.35 10.85
C GLY A 194 15.46 -14.74 9.43
N LEU A 195 14.49 -15.22 8.65
CA LEU A 195 14.74 -15.65 7.27
C LEU A 195 13.74 -15.02 6.30
N GLY A 196 14.18 -14.82 5.06
CA GLY A 196 13.24 -14.45 4.01
C GLY A 196 13.95 -14.25 2.69
N ARG A 197 13.17 -14.01 1.65
CA ARG A 197 13.71 -13.81 0.31
C ARG A 197 13.97 -12.34 0.01
N SER A 198 15.04 -12.06 -0.73
CA SER A 198 15.34 -10.70 -1.14
C SER A 198 15.14 -10.54 -2.64
N ALA A 199 14.30 -9.59 -3.05
CA ALA A 199 14.12 -9.29 -4.46
C ALA A 199 15.36 -8.61 -5.02
N THR A 200 16.14 -7.95 -4.16
CA THR A 200 17.35 -7.23 -4.60
C THR A 200 18.38 -8.18 -5.17
N THR A 201 18.54 -9.33 -4.54
CA THR A 201 19.64 -10.24 -4.86
C THR A 201 19.14 -11.56 -5.41
N ALA A 202 17.83 -11.76 -5.39
CA ALA A 202 17.21 -13.02 -5.83
C ALA A 202 17.79 -14.18 -5.01
N THR A 203 17.84 -13.99 -3.69
CA THR A 203 18.41 -15.00 -2.79
C THR A 203 17.49 -15.17 -1.57
N GLY A 204 17.78 -16.17 -0.75
CA GLY A 204 17.09 -16.33 0.52
C GLY A 204 16.23 -17.57 0.63
N ASP A 205 16.01 -18.01 1.86
CA ASP A 205 15.19 -19.19 2.15
C ASP A 205 13.94 -18.72 2.90
N LEU A 206 12.95 -19.58 2.95
CA LEU A 206 11.72 -19.28 3.67
C LEU A 206 11.76 -19.94 5.04
N ALA A 207 11.39 -19.17 6.06
CA ALA A 207 11.18 -19.74 7.39
C ALA A 207 10.03 -20.74 7.34
N VAL A 208 10.11 -21.78 8.18
CA VAL A 208 9.02 -22.76 8.26
C VAL A 208 8.52 -22.71 9.70
N ILE A 209 7.23 -22.44 9.87
CA ILE A 209 6.58 -22.51 11.17
C ILE A 209 5.76 -23.81 11.19
N LYS A 210 6.08 -24.70 12.13
CA LYS A 210 5.50 -26.05 12.13
C LYS A 210 4.30 -26.14 13.05
N VAL A 211 3.23 -26.76 12.57
CA VAL A 211 2.08 -27.05 13.40
C VAL A 211 1.67 -28.52 13.25
N THR A 212 0.99 -29.06 14.26
CA THR A 212 0.44 -30.43 14.17
C THR A 212 -1.07 -30.32 14.12
N ARG A 213 -1.69 -31.00 13.16
CA ARG A 213 -3.14 -30.97 13.04
C ARG A 213 -3.80 -31.35 14.36
N GLY A 214 -4.82 -30.59 14.75
CA GLY A 214 -5.54 -30.87 15.99
C GLY A 214 -5.06 -30.06 17.19
N LYS A 215 -3.90 -29.41 17.10
CA LYS A 215 -3.40 -28.59 18.21
C LYS A 215 -3.75 -27.11 18.01
N ARG A 216 -3.86 -26.37 19.12
CA ARG A 216 -4.12 -24.94 19.09
C ARG A 216 -2.84 -24.24 19.57
N TYR A 217 -2.45 -23.17 18.87
CA TYR A 217 -1.17 -22.52 19.08
C TYR A 217 -1.36 -21.10 19.57
N ARG A 218 -0.62 -20.72 20.60
CA ARG A 218 -0.51 -19.30 20.91
C ARG A 218 0.70 -18.72 20.17
N PHE A 219 0.48 -18.08 19.03
CA PHE A 219 1.58 -17.40 18.34
C PHE A 219 1.76 -16.01 18.92
N ARG A 220 3.02 -15.67 19.18
CA ARG A 220 3.38 -14.37 19.73
C ARG A 220 4.11 -13.58 18.64
N LEU A 221 3.37 -12.68 18.02
CA LEU A 221 3.86 -11.96 16.85
C LEU A 221 4.52 -10.67 17.31
N VAL A 222 5.79 -10.48 16.96
CA VAL A 222 6.49 -9.28 17.43
C VAL A 222 7.10 -8.51 16.26
N SER A 223 6.81 -7.23 16.17
CA SER A 223 7.49 -6.43 15.15
C SER A 223 8.79 -5.84 15.71
N LEU A 224 9.90 -6.26 15.12
CA LEU A 224 11.22 -5.69 15.40
C LEU A 224 11.58 -4.64 14.33
N SER A 225 10.59 -4.12 13.62
CA SER A 225 10.80 -3.20 12.50
C SER A 225 11.51 -1.90 12.89
N CYS A 226 12.46 -1.49 12.08
CA CYS A 226 13.00 -0.13 12.12
C CYS A 226 12.13 0.92 11.44
N ASP A 227 11.18 0.48 10.61
CA ASP A 227 10.42 1.44 9.80
C ASP A 227 9.04 0.97 9.31
N PRO A 228 8.96 0.07 8.30
CA PRO A 228 7.64 -0.27 7.77
C PRO A 228 6.71 -0.93 8.78
N PHE A 229 5.42 -0.72 8.59
CA PHE A 229 4.42 -1.58 9.21
C PHE A 229 4.14 -2.75 8.29
N TYR A 230 3.69 -3.86 8.87
CA TYR A 230 3.36 -5.05 8.12
C TYR A 230 1.88 -5.40 8.19
N THR A 231 1.37 -5.82 7.04
CA THR A 231 0.05 -6.44 6.97
C THR A 231 0.31 -7.94 7.04
N PHE A 232 -0.10 -8.55 8.14
CA PHE A 232 0.21 -9.95 8.47
C PHE A 232 -1.04 -10.81 8.32
N SER A 233 -0.88 -12.00 7.74
CA SER A 233 -1.98 -12.96 7.66
C SER A 233 -1.43 -14.33 7.37
N ILE A 234 -2.26 -15.34 7.60
CA ILE A 234 -1.89 -16.73 7.31
C ILE A 234 -2.97 -17.33 6.43
N ASP A 235 -2.62 -17.72 5.21
CA ASP A 235 -3.60 -18.31 4.29
C ASP A 235 -4.37 -19.45 4.98
N GLY A 236 -5.69 -19.42 4.84
CA GLY A 236 -6.52 -20.56 5.26
C GLY A 236 -6.82 -20.62 6.75
N HIS A 237 -6.29 -19.65 7.50
CA HIS A 237 -6.43 -19.66 8.95
C HIS A 237 -6.78 -18.28 9.49
N ASN A 238 -7.73 -18.24 10.40
CA ASN A 238 -7.98 -17.01 11.16
C ASN A 238 -7.08 -16.93 12.39
N MET A 239 -7.03 -15.74 12.97
CA MET A 239 -6.17 -15.48 14.12
C MET A 239 -7.03 -14.86 15.22
N THR A 240 -7.05 -15.49 16.38
CA THR A 240 -7.82 -14.95 17.49
C THR A 240 -6.89 -14.20 18.43
N ILE A 241 -6.97 -12.87 18.35
CA ILE A 241 -6.09 -12.00 19.13
C ILE A 241 -6.50 -12.08 20.59
N ILE A 242 -5.51 -12.29 21.47
CA ILE A 242 -5.74 -12.41 22.91
C ILE A 242 -4.81 -11.48 23.73
N GLU A 243 -3.87 -10.83 23.07
CA GLU A 243 -2.92 -9.93 23.76
C GLU A 243 -2.48 -8.86 22.76
N ALA A 244 -2.41 -7.60 23.21
CA ALA A 244 -1.78 -6.55 22.42
C ALA A 244 -0.74 -5.84 23.30
N ASP A 245 0.49 -5.70 22.80
CA ASP A 245 1.56 -5.02 23.55
C ASP A 245 1.57 -5.47 25.03
N ALA A 246 1.54 -6.78 25.27
CA ALA A 246 1.67 -7.32 26.62
C ALA A 246 0.50 -7.06 27.55
N VAL A 247 -0.64 -6.64 27.02
CA VAL A 247 -1.84 -6.52 27.87
C VAL A 247 -2.92 -7.42 27.31
N ASN A 248 -3.49 -8.26 28.17
CA ASN A 248 -4.46 -9.26 27.75
C ASN A 248 -5.71 -8.59 27.19
N THR A 249 -6.19 -9.09 26.06
CA THR A 249 -7.45 -8.58 25.51
C THR A 249 -8.54 -9.66 25.58
N LYS A 250 -9.78 -9.23 25.43
CA LYS A 250 -10.88 -10.14 25.10
C LYS A 250 -10.56 -10.79 23.75
N PRO A 251 -10.84 -12.08 23.60
CA PRO A 251 -10.49 -12.73 22.33
C PRO A 251 -11.22 -12.04 21.18
N HIS A 252 -10.51 -11.78 20.09
CA HIS A 252 -11.11 -11.16 18.90
C HIS A 252 -10.51 -11.74 17.63
N THR A 253 -11.36 -12.37 16.82
CA THR A 253 -10.87 -13.14 15.68
C THR A 253 -10.84 -12.28 14.42
N VAL A 254 -9.72 -12.33 13.70
CA VAL A 254 -9.56 -11.56 12.46
C VAL A 254 -8.84 -12.45 11.44
N ASP A 255 -8.80 -12.02 10.19
CA ASP A 255 -8.09 -12.80 9.20
C ASP A 255 -6.86 -12.06 8.65
N SER A 256 -6.61 -10.87 9.16
CA SER A 256 -5.38 -10.14 8.86
C SER A 256 -5.25 -8.98 9.85
N LEU A 257 -4.04 -8.43 9.96
CA LEU A 257 -3.80 -7.32 10.89
C LEU A 257 -2.66 -6.46 10.36
N GLU A 258 -2.66 -5.17 10.73
CA GLU A 258 -1.48 -4.33 10.54
C GLU A 258 -0.75 -4.26 11.86
N ILE A 259 0.58 -4.40 11.82
CA ILE A 259 1.41 -4.32 13.02
C ILE A 259 2.52 -3.29 12.77
N PHE A 260 2.55 -2.28 13.61
CA PHE A 260 3.49 -1.17 13.50
C PHE A 260 4.77 -1.47 14.29
N ALA A 261 5.83 -0.72 14.00
CA ALA A 261 7.15 -0.93 14.59
C ALA A 261 7.07 -1.02 16.10
N GLY A 262 7.51 -2.16 16.63
CA GLY A 262 7.53 -2.37 18.07
C GLY A 262 6.26 -2.85 18.75
N GLN A 263 5.15 -2.99 18.01
CA GLN A 263 3.94 -3.62 18.56
C GLN A 263 4.05 -5.14 18.64
N ARG A 264 3.22 -5.75 19.49
CA ARG A 264 3.11 -7.20 19.69
C ARG A 264 1.65 -7.61 19.74
N TYR A 265 1.34 -8.78 19.19
CA TYR A 265 0.04 -9.44 19.37
C TYR A 265 0.29 -10.91 19.64
N SER A 266 -0.47 -11.48 20.57
CA SER A 266 -0.57 -12.94 20.62
C SER A 266 -1.89 -13.26 19.94
N PHE A 267 -1.89 -14.32 19.13
CA PHE A 267 -3.14 -14.79 18.57
C PHE A 267 -3.19 -16.31 18.63
N ILE A 268 -4.40 -16.85 18.75
CA ILE A 268 -4.58 -18.31 18.72
C ILE A 268 -4.73 -18.72 17.26
N LEU A 269 -3.98 -19.72 16.84
CA LEU A 269 -4.24 -20.40 15.59
C LEU A 269 -4.64 -21.83 15.92
N ASN A 270 -5.80 -22.23 15.40
CA ASN A 270 -6.28 -23.59 15.51
C ASN A 270 -5.84 -24.37 14.27
N ALA A 271 -4.97 -25.36 14.44
CA ALA A 271 -4.47 -26.06 13.26
C ALA A 271 -5.45 -27.20 12.88
N ASN A 272 -6.60 -26.80 12.36
CA ASN A 272 -7.67 -27.74 12.03
C ASN A 272 -7.95 -27.85 10.53
N GLN A 273 -7.04 -27.31 9.71
CA GLN A 273 -7.21 -27.31 8.26
C GLN A 273 -6.55 -28.58 7.71
N PRO A 274 -6.74 -28.86 6.42
CA PRO A 274 -6.04 -30.01 5.84
C PRO A 274 -4.52 -29.92 5.96
N VAL A 275 -3.87 -31.07 6.17
CA VAL A 275 -2.41 -31.15 6.18
C VAL A 275 -1.85 -30.60 4.87
N ASP A 276 -1.16 -29.47 4.96
CA ASP A 276 -0.58 -28.86 3.78
C ASP A 276 0.45 -27.82 4.21
N ASN A 277 1.04 -27.18 3.20
CA ASN A 277 1.83 -25.98 3.37
C ASN A 277 0.99 -24.76 3.03
N TYR A 278 0.94 -23.77 3.93
CA TYR A 278 0.17 -22.54 3.78
C TYR A 278 1.09 -21.30 3.82
N TRP A 279 0.84 -20.32 2.96
CA TRP A 279 1.64 -19.09 3.00
C TRP A 279 1.38 -18.26 4.26
N VAL A 280 2.46 -17.86 4.93
CA VAL A 280 2.43 -16.84 5.97
C VAL A 280 2.91 -15.53 5.33
N ARG A 281 2.15 -14.45 5.52
CA ARG A 281 2.40 -13.22 4.75
C ARG A 281 2.68 -12.06 5.70
N ALA A 282 3.78 -11.34 5.43
CA ALA A 282 4.09 -10.11 6.18
C ALA A 282 4.51 -9.07 5.16
N ASN A 283 3.55 -8.26 4.72
CA ASN A 283 3.75 -7.39 3.57
C ASN A 283 4.03 -5.97 4.07
N PRO A 284 5.21 -5.41 3.76
CA PRO A 284 5.50 -4.06 4.25
C PRO A 284 4.66 -3.02 3.52
N ASN A 285 4.57 -1.82 4.09
CA ASN A 285 3.74 -0.78 3.47
C ASN A 285 4.45 -0.06 2.33
N PHE A 286 5.77 -0.20 2.26
CA PHE A 286 6.51 0.34 1.11
C PHE A 286 7.77 -0.53 0.95
N GLY A 287 8.49 -0.34 -0.16
CA GLY A 287 9.59 -1.23 -0.52
C GLY A 287 9.15 -2.21 -1.59
N ASN A 288 9.46 -3.49 -1.41
CA ASN A 288 8.93 -4.49 -2.33
C ASN A 288 7.66 -4.97 -1.69
N VAL A 289 6.52 -4.58 -2.27
CA VAL A 289 5.20 -4.87 -1.73
C VAL A 289 4.57 -5.94 -2.63
N GLY A 290 4.14 -7.02 -2.01
CA GLY A 290 3.65 -8.18 -2.77
C GLY A 290 4.46 -9.44 -2.48
N PHE A 291 4.29 -10.44 -3.32
CA PHE A 291 4.83 -11.76 -3.03
C PHE A 291 5.58 -12.45 -4.17
N THR A 292 6.05 -11.67 -5.13
CA THR A 292 6.82 -12.25 -6.22
C THR A 292 7.97 -13.10 -5.71
N ASN A 293 8.07 -14.32 -6.22
CA ASN A 293 9.13 -15.24 -5.80
C ASN A 293 9.18 -15.58 -4.31
N GLY A 294 8.06 -15.36 -3.61
CA GLY A 294 7.98 -15.72 -2.19
C GLY A 294 8.64 -14.72 -1.24
N ILE A 295 8.82 -13.47 -1.68
CA ILE A 295 9.28 -12.43 -0.77
C ILE A 295 8.14 -12.15 0.21
N ASN A 296 8.50 -11.55 1.34
CA ASN A 296 7.53 -11.15 2.36
C ASN A 296 6.71 -12.33 2.85
N SER A 297 7.32 -13.51 2.85
CA SER A 297 6.56 -14.75 3.12
C SER A 297 7.34 -15.72 3.99
N ALA A 298 6.59 -16.62 4.61
CA ALA A 298 7.12 -17.79 5.30
C ALA A 298 6.11 -18.91 5.07
N ILE A 299 6.40 -20.10 5.58
CA ILE A 299 5.54 -21.27 5.32
C ILE A 299 5.02 -21.81 6.65
N LEU A 300 3.69 -21.93 6.73
CA LEU A 300 3.08 -22.66 7.83
C LEU A 300 2.96 -24.11 7.36
N ARG A 301 3.70 -25.01 8.00
CA ARG A 301 3.76 -26.38 7.51
C ARG A 301 3.17 -27.34 8.53
N TYR A 302 2.10 -28.03 8.12
CA TYR A 302 1.54 -29.09 8.97
C TYR A 302 2.45 -30.31 8.93
N ASP A 303 2.70 -30.90 10.11
CA ASP A 303 3.35 -32.21 10.18
C ASP A 303 2.76 -33.17 9.15
N GLY A 304 3.62 -33.78 8.34
CA GLY A 304 3.16 -34.69 7.30
C GLY A 304 3.05 -34.05 5.93
N ALA A 305 3.07 -32.71 5.85
CA ALA A 305 3.04 -32.05 4.55
C ALA A 305 4.40 -32.23 3.89
N ALA A 306 4.44 -32.14 2.57
CA ALA A 306 5.70 -32.25 1.83
C ALA A 306 6.64 -31.10 2.19
N VAL A 307 7.94 -31.35 2.06
CA VAL A 307 8.92 -30.29 2.18
C VAL A 307 8.92 -29.56 0.83
N ALA A 308 8.07 -28.53 0.77
CA ALA A 308 7.77 -27.81 -0.45
C ALA A 308 7.12 -26.48 -0.08
N GLU A 309 7.10 -25.56 -1.05
CA GLU A 309 6.39 -24.29 -0.88
C GLU A 309 4.90 -24.54 -1.06
N PRO A 310 4.07 -23.71 -0.41
CA PRO A 310 2.66 -23.62 -0.78
C PRO A 310 2.55 -23.23 -2.25
N ALA A 311 1.43 -23.61 -2.86
CA ALA A 311 1.13 -23.34 -4.26
C ALA A 311 1.13 -21.84 -4.50
N THR A 312 1.68 -21.42 -5.64
CA THR A 312 1.61 -20.02 -6.02
C THR A 312 0.12 -19.63 -6.12
N ALA A 313 -0.21 -18.42 -5.68
CA ALA A 313 -1.62 -18.05 -5.53
C ALA A 313 -1.78 -16.54 -5.65
N ILE A 314 -2.93 -16.10 -6.16
CA ILE A 314 -3.33 -14.70 -5.99
C ILE A 314 -3.52 -14.49 -4.49
N PRO A 315 -2.83 -13.50 -3.91
CA PRO A 315 -2.98 -13.32 -2.46
C PRO A 315 -4.45 -13.15 -2.08
N PRO A 316 -4.89 -13.86 -1.03
CA PRO A 316 -6.28 -13.78 -0.61
C PRO A 316 -6.69 -12.42 -0.04
N ALA A 317 -7.97 -12.09 -0.17
CA ALA A 317 -8.52 -10.82 0.29
C ALA A 317 -8.98 -11.00 1.74
N SER A 318 -8.63 -10.03 2.58
CA SER A 318 -9.01 -10.03 3.98
C SER A 318 -10.48 -9.62 4.08
N VAL A 319 -11.27 -10.38 4.84
CA VAL A 319 -12.67 -10.06 5.06
C VAL A 319 -12.91 -9.39 6.42
N THR A 320 -12.05 -9.70 7.39
CA THR A 320 -12.20 -9.13 8.73
C THR A 320 -10.84 -8.65 9.23
N PRO A 321 -10.33 -7.54 8.66
CA PRO A 321 -9.04 -7.02 9.13
C PRO A 321 -9.18 -6.50 10.56
N LEU A 322 -8.11 -6.57 11.34
CA LEU A 322 -8.11 -6.00 12.68
C LEU A 322 -8.30 -4.48 12.66
N LEU A 323 -9.28 -4.03 13.44
CA LEU A 323 -9.36 -2.62 13.84
C LEU A 323 -8.99 -2.48 15.32
N GLU A 324 -8.16 -1.50 15.64
CA GLU A 324 -7.75 -1.29 17.02
C GLU A 324 -8.94 -0.97 17.94
N THR A 325 -9.97 -0.35 17.39
CA THR A 325 -11.19 -0.03 18.14
C THR A 325 -12.01 -1.29 18.48
N ASP A 326 -11.67 -2.42 17.85
CA ASP A 326 -12.30 -3.69 18.20
C ASP A 326 -11.63 -4.44 19.34
N LEU A 327 -10.49 -3.93 19.81
CA LEU A 327 -9.79 -4.57 20.93
C LEU A 327 -10.22 -3.95 22.25
N HIS A 328 -10.46 -4.79 23.26
CA HIS A 328 -10.84 -4.33 24.59
C HIS A 328 -10.08 -5.13 25.66
N PRO A 329 -9.75 -4.48 26.80
CA PRO A 329 -9.03 -5.19 27.86
C PRO A 329 -9.83 -6.41 28.34
N LEU A 330 -9.12 -7.50 28.60
CA LEU A 330 -9.73 -8.72 29.14
C LEU A 330 -10.42 -8.44 30.46
N VAL A 331 -9.75 -7.70 31.34
CA VAL A 331 -10.31 -7.37 32.64
C VAL A 331 -10.79 -5.92 32.63
N SER A 332 -11.94 -5.66 33.24
CA SER A 332 -12.42 -4.29 33.35
C SER A 332 -11.32 -3.46 33.96
N THR A 333 -10.89 -2.45 33.22
CA THR A 333 -9.82 -1.57 33.65
C THR A 333 -10.37 -0.15 33.55
N PRO A 334 -10.29 0.63 34.63
CA PRO A 334 -10.80 2.00 34.49
C PRO A 334 -9.89 2.87 33.63
N VAL A 335 -10.50 3.78 32.88
CA VAL A 335 -9.75 4.76 32.08
C VAL A 335 -9.42 5.93 33.01
N PRO A 336 -8.15 6.34 33.09
CA PRO A 336 -7.81 7.48 33.93
C PRO A 336 -8.66 8.70 33.60
N GLY A 337 -9.07 9.44 34.63
CA GLY A 337 -9.77 10.70 34.44
C GLY A 337 -11.26 10.56 34.22
N SER A 338 -11.88 11.60 33.68
CA SER A 338 -13.31 11.58 33.41
C SER A 338 -13.62 11.53 31.91
N PRO A 339 -14.81 11.02 31.54
CA PRO A 339 -15.09 10.76 30.14
C PRO A 339 -15.48 12.00 29.33
N VAL A 340 -14.58 12.97 29.28
CA VAL A 340 -14.72 14.19 28.47
C VAL A 340 -13.32 14.58 28.00
N ALA A 341 -13.24 15.23 26.84
CA ALA A 341 -11.95 15.74 26.34
C ALA A 341 -11.32 16.63 27.39
N GLY A 342 -10.03 16.44 27.66
CA GLY A 342 -9.33 17.19 28.68
C GLY A 342 -9.77 16.91 30.11
N GLY A 343 -10.54 15.85 30.32
CA GLY A 343 -11.01 15.50 31.66
C GLY A 343 -9.95 14.78 32.46
N VAL A 344 -8.80 15.43 32.62
CA VAL A 344 -7.62 14.87 33.29
C VAL A 344 -6.91 15.96 34.07
N ASP A 345 -5.97 15.58 34.94
CA ASP A 345 -5.16 16.57 35.64
C ASP A 345 -4.30 17.41 34.69
N LYS A 346 -3.70 16.76 33.71
CA LYS A 346 -2.79 17.41 32.75
C LYS A 346 -3.03 16.89 31.33
N ALA A 347 -3.41 17.79 30.44
CA ALA A 347 -3.66 17.45 29.03
C ALA A 347 -2.65 18.20 28.17
N LEU A 348 -1.99 17.46 27.28
CA LEU A 348 -0.96 18.03 26.42
C LEU A 348 -1.22 17.65 24.98
N ASN A 349 -1.10 18.64 24.09
CA ASN A 349 -1.21 18.41 22.66
C ASN A 349 0.14 18.57 21.97
N PHE A 350 0.47 17.67 21.06
CA PHE A 350 1.77 17.72 20.39
C PHE A 350 1.66 18.08 18.92
N VAL A 351 2.29 19.21 18.60
CA VAL A 351 2.36 19.75 17.25
C VAL A 351 3.66 19.30 16.58
N PHE A 352 3.51 18.51 15.53
CA PHE A 352 4.65 17.93 14.84
C PHE A 352 5.09 18.84 13.70
N ASN A 353 6.37 18.81 13.39
CA ASN A 353 6.91 19.53 12.24
C ASN A 353 8.21 18.89 11.81
N PHE A 354 8.74 19.37 10.68
CA PHE A 354 9.86 18.74 10.00
C PHE A 354 10.45 19.78 9.05
N ASP A 355 11.77 19.83 8.93
CA ASP A 355 12.38 20.85 8.08
C ASP A 355 13.23 20.30 6.94
N GLY A 356 13.11 19.01 6.65
CA GLY A 356 13.90 18.38 5.60
C GLY A 356 15.04 17.55 6.15
N THR A 357 15.44 17.86 7.38
CA THR A 357 16.54 17.19 8.05
C THR A 357 16.09 16.64 9.40
N ASN A 358 15.48 17.51 10.21
CA ASN A 358 15.05 17.15 11.55
C ASN A 358 13.55 17.25 11.77
N PHE A 359 13.02 16.34 12.59
CA PHE A 359 11.65 16.44 13.11
C PHE A 359 11.57 17.27 14.39
N PHE A 360 10.41 17.87 14.62
CA PHE A 360 10.17 18.76 15.75
C PHE A 360 8.88 18.36 16.44
N ILE A 361 8.87 18.49 17.76
CA ILE A 361 7.66 18.32 18.55
C ILE A 361 7.54 19.59 19.39
N ASN A 362 6.44 20.30 19.21
CA ASN A 362 6.24 21.62 19.81
C ASN A 362 7.51 22.47 19.66
N ASP A 363 8.01 22.51 18.43
CA ASP A 363 9.13 23.34 17.98
C ASP A 363 10.52 23.01 18.53
N ALA A 364 10.66 21.80 19.07
CA ALA A 364 11.92 21.34 19.61
C ALA A 364 12.29 20.01 18.94
N THR A 365 13.54 19.89 18.53
CA THR A 365 14.03 18.62 17.99
C THR A 365 14.93 17.96 19.03
N PHE A 366 14.79 16.65 19.21
CA PHE A 366 15.62 15.97 20.20
C PHE A 366 17.04 15.73 19.69
N THR A 367 18.03 16.25 20.42
CA THR A 367 19.42 15.86 20.18
C THR A 367 19.95 15.29 21.49
N PRO A 368 20.61 14.12 21.44
CA PRO A 368 20.98 13.53 22.72
C PRO A 368 21.93 14.45 23.50
N PRO A 369 21.70 14.61 24.81
CA PRO A 369 22.60 15.46 25.58
C PRO A 369 23.85 14.67 25.99
N SER A 370 24.97 15.34 26.21
CA SER A 370 26.17 14.62 26.63
C SER A 370 26.03 14.05 28.05
N VAL A 371 25.24 14.70 28.92
CA VAL A 371 24.95 14.14 30.24
C VAL A 371 23.54 13.54 30.19
N PRO A 372 23.41 12.23 30.45
CA PRO A 372 22.08 11.63 30.33
C PRO A 372 21.05 12.38 31.18
N VAL A 373 19.82 12.47 30.71
CA VAL A 373 18.78 13.20 31.44
C VAL A 373 18.64 12.69 32.88
N LEU A 374 18.68 11.37 33.08
CA LEU A 374 18.58 10.84 34.44
C LEU A 374 19.70 11.39 35.32
N LEU A 375 20.92 11.47 34.78
CA LEU A 375 22.05 11.94 35.56
C LEU A 375 21.95 13.44 35.83
N GLN A 376 21.42 14.19 34.87
CA GLN A 376 21.11 15.60 35.10
C GLN A 376 20.17 15.78 36.30
N ILE A 377 19.15 14.94 36.38
CA ILE A 377 18.20 14.99 37.49
C ILE A 377 18.86 14.57 38.80
N LEU A 378 19.61 13.47 38.79
CA LEU A 378 20.25 13.00 40.00
C LEU A 378 21.30 14.00 40.54
N SER A 379 21.86 14.79 39.63
CA SER A 379 22.88 15.77 39.98
C SER A 379 22.29 17.06 40.53
N GLY A 380 20.97 17.18 40.51
CA GLY A 380 20.28 18.28 41.17
C GLY A 380 19.69 19.34 40.26
N ALA A 381 19.17 18.94 39.10
CA ALA A 381 18.41 19.88 38.27
C ALA A 381 16.96 19.93 38.77
N GLN A 382 16.50 21.15 39.08
CA GLN A 382 15.24 21.37 39.80
C GLN A 382 14.02 21.42 38.89
N ALA A 383 14.12 22.17 37.80
CA ALA A 383 13.04 22.31 36.83
C ALA A 383 13.37 21.55 35.55
N ALA A 384 12.32 21.09 34.86
CA ALA A 384 12.48 20.46 33.55
C ALA A 384 12.88 21.50 32.51
N GLN A 385 12.69 22.76 32.89
CA GLN A 385 13.19 23.93 32.19
C GLN A 385 14.71 23.92 32.07
N ASP A 386 15.35 23.45 33.13
CA ASP A 386 16.81 23.43 33.24
C ASP A 386 17.44 22.20 32.58
N LEU A 387 16.61 21.21 32.24
CA LEU A 387 17.10 19.96 31.64
C LEU A 387 17.39 20.09 30.14
N LEU A 388 18.42 19.39 29.69
CA LEU A 388 18.86 19.40 28.31
C LEU A 388 18.52 18.07 27.64
N PRO A 389 18.16 18.08 26.34
CA PRO A 389 18.12 19.24 25.46
C PRO A 389 16.95 20.20 25.75
N SER A 390 17.24 21.49 25.69
CA SER A 390 16.27 22.51 26.05
C SER A 390 15.06 22.48 25.14
N GLY A 391 13.87 22.47 25.73
CA GLY A 391 12.62 22.40 24.96
C GLY A 391 12.10 21.00 24.71
N SER A 392 12.94 19.99 24.90
CA SER A 392 12.58 18.59 24.62
C SER A 392 12.22 17.78 25.88
N VAL A 393 12.51 18.33 27.05
CA VAL A 393 12.22 17.66 28.31
C VAL A 393 11.05 18.34 29.00
N ILE A 394 9.98 17.56 29.21
CA ILE A 394 8.70 18.09 29.65
C ILE A 394 8.36 17.47 31.00
N PRO A 395 8.09 18.32 32.01
CA PRO A 395 7.72 17.84 33.34
C PRO A 395 6.30 17.30 33.37
N LEU A 396 6.08 16.23 34.14
CA LEU A 396 4.73 15.76 34.42
C LEU A 396 4.56 15.74 35.95
N PRO A 397 3.40 16.20 36.45
CA PRO A 397 3.14 16.11 37.88
C PRO A 397 2.99 14.67 38.36
N ALA A 398 3.34 14.41 39.62
CA ALA A 398 3.26 13.08 40.20
C ALA A 398 1.81 12.71 40.43
N LEU A 399 1.53 11.41 40.40
CA LEU A 399 0.23 10.82 40.73
C LEU A 399 -0.96 11.57 40.13
N SER A 400 -0.88 11.79 38.82
CA SER A 400 -1.86 12.59 38.11
C SER A 400 -2.35 11.84 36.88
N THR A 401 -3.54 12.21 36.40
CA THR A 401 -4.06 11.65 35.16
C THR A 401 -3.60 12.54 34.01
N ILE A 402 -3.10 11.90 32.96
CA ILE A 402 -2.53 12.58 31.80
C ILE A 402 -3.27 12.19 30.53
N GLU A 403 -3.52 13.18 29.66
CA GLU A 403 -4.05 12.91 28.34
C GLU A 403 -3.13 13.54 27.29
N LEU A 404 -2.64 12.74 26.35
CA LEU A 404 -1.78 13.24 25.29
C LEU A 404 -2.49 13.11 23.94
N SER A 405 -2.40 14.14 23.12
CA SER A 405 -2.89 14.03 21.75
C SER A 405 -1.78 14.26 20.71
N PHE A 406 -1.84 13.49 19.63
CA PHE A 406 -0.79 13.48 18.60
C PHE A 406 -1.40 13.73 17.22
N PRO A 407 -1.97 14.92 16.99
CA PRO A 407 -2.73 15.12 15.75
C PRO A 407 -1.86 14.95 14.51
N ALA A 408 -2.30 14.10 13.58
CA ALA A 408 -1.53 13.84 12.37
C ALA A 408 -1.47 15.12 11.54
N THR A 409 -0.34 15.36 10.88
CA THR A 409 -0.11 16.63 10.17
C THR A 409 0.82 16.40 9.00
N ALA A 410 0.53 17.07 7.89
CA ALA A 410 1.40 16.99 6.72
C ALA A 410 2.73 17.69 6.99
N ASN A 411 2.79 18.48 8.06
CA ASN A 411 4.05 19.06 8.46
C ASN A 411 5.08 18.04 8.96
N ALA A 412 4.61 16.82 9.22
CA ALA A 412 5.51 15.74 9.59
C ALA A 412 5.28 14.56 8.65
N PRO A 413 5.90 14.60 7.46
CA PRO A 413 5.70 13.49 6.53
C PRO A 413 6.33 12.20 7.03
N GLY A 414 6.03 11.10 6.35
CA GLY A 414 6.45 9.80 6.85
C GLY A 414 5.34 9.11 7.63
N VAL A 415 4.12 9.58 7.45
CA VAL A 415 2.94 8.99 8.12
C VAL A 415 2.69 7.57 7.61
N PRO A 416 2.04 6.73 8.42
CA PRO A 416 1.61 6.98 9.80
C PRO A 416 2.78 6.81 10.77
N HIS A 417 2.95 7.74 11.72
CA HIS A 417 4.01 7.63 12.73
C HIS A 417 3.54 6.85 13.96
N PRO A 418 4.20 5.71 14.26
CA PRO A 418 3.80 4.95 15.45
C PRO A 418 4.53 5.46 16.70
N PHE A 419 3.80 6.12 17.59
CA PHE A 419 4.43 6.66 18.78
C PHE A 419 4.48 5.68 19.95
N HIS A 420 5.58 5.76 20.68
CA HIS A 420 5.82 4.87 21.79
C HIS A 420 6.24 5.66 23.04
N LEU A 421 5.63 5.31 24.16
CA LEU A 421 5.95 5.90 25.45
C LEU A 421 6.61 4.89 26.37
N HIS A 422 7.84 5.18 26.81
CA HIS A 422 8.52 4.37 27.82
C HIS A 422 7.86 4.46 29.19
N GLY A 423 8.08 3.43 30.01
CA GLY A 423 7.68 3.42 31.41
C GLY A 423 6.19 3.22 31.69
N HIS A 424 5.40 3.01 30.63
CA HIS A 424 3.94 3.03 30.79
C HIS A 424 3.22 2.26 29.69
N THR A 425 2.05 1.71 30.00
CA THR A 425 1.08 1.38 28.94
C THR A 425 0.07 2.51 29.03
N PHE A 426 -0.70 2.72 27.97
CA PHE A 426 -1.68 3.80 27.97
C PHE A 426 -2.99 3.36 27.33
N ALA A 427 -4.08 4.00 27.74
CA ALA A 427 -5.37 3.77 27.10
C ALA A 427 -5.46 4.51 25.77
N VAL A 428 -5.76 3.79 24.69
CA VAL A 428 -5.94 4.47 23.40
C VAL A 428 -7.38 4.96 23.26
N VAL A 429 -7.63 6.16 23.77
CA VAL A 429 -8.97 6.71 23.81
C VAL A 429 -9.49 7.00 22.40
N ARG A 430 -8.60 7.41 21.51
CA ARG A 430 -8.98 7.59 20.12
C ARG A 430 -7.91 6.98 19.26
N SER A 431 -8.31 6.07 18.36
CA SER A 431 -7.39 5.39 17.46
C SER A 431 -7.30 6.08 16.09
N ALA A 432 -6.25 5.78 15.35
CA ALA A 432 -6.15 6.20 13.94
C ALA A 432 -7.28 5.59 13.13
N GLY A 433 -7.83 6.36 12.18
CA GLY A 433 -8.86 5.86 11.27
C GLY A 433 -10.23 5.86 11.92
N SER A 434 -10.31 6.44 13.10
CA SER A 434 -11.55 6.51 13.85
C SER A 434 -11.77 7.92 14.39
N THR A 435 -13.01 8.38 14.37
CA THR A 435 -13.33 9.69 14.94
C THR A 435 -13.91 9.58 16.35
N ALA A 436 -14.13 8.36 16.83
CA ALA A 436 -14.73 8.13 18.14
C ALA A 436 -13.73 8.22 19.30
N TYR A 437 -14.22 8.70 20.44
CA TYR A 437 -13.47 8.66 21.70
C TYR A 437 -14.05 7.59 22.61
N ASN A 438 -13.25 6.59 22.97
CA ASN A 438 -13.70 5.55 23.90
C ASN A 438 -13.09 5.75 25.30
N TYR A 439 -13.92 6.28 26.20
CA TYR A 439 -13.54 6.49 27.58
C TYR A 439 -13.97 5.34 28.49
N GLU A 440 -14.54 4.28 27.92
CA GLU A 440 -15.04 3.18 28.74
C GLU A 440 -14.18 1.93 28.70
N ASP A 441 -13.92 1.39 27.50
CA ASP A 441 -13.14 0.17 27.38
C ASP A 441 -12.13 0.15 26.23
N PRO A 442 -11.32 1.22 26.12
CA PRO A 442 -10.35 1.26 25.04
C PRO A 442 -9.21 0.30 25.36
N VAL A 443 -8.52 -0.15 24.32
CA VAL A 443 -7.36 -1.01 24.46
C VAL A 443 -6.24 -0.26 25.18
N TRP A 444 -5.45 -1.02 25.95
CA TRP A 444 -4.25 -0.51 26.58
C TRP A 444 -3.09 -1.03 25.74
N ARG A 445 -2.15 -0.15 25.39
CA ARG A 445 -0.97 -0.63 24.69
C ARG A 445 0.24 0.28 24.93
N ASP A 446 1.35 0.04 24.25
CA ASP A 446 2.51 0.93 24.42
C ASP A 446 3.09 1.55 23.15
N VAL A 447 2.58 1.15 21.99
CA VAL A 447 2.96 1.75 20.70
C VAL A 447 1.64 1.91 19.95
N VAL A 448 1.40 3.10 19.41
CA VAL A 448 0.15 3.39 18.71
C VAL A 448 0.39 4.19 17.43
N SER A 449 -0.22 3.76 16.33
CA SER A 449 -0.15 4.54 15.10
C SER A 449 -0.88 5.85 15.31
N THR A 450 -0.25 6.96 14.94
CA THR A 450 -0.89 8.26 14.97
C THR A 450 -1.60 8.61 13.65
N GLY A 451 -1.67 7.67 12.71
CA GLY A 451 -2.47 7.86 11.51
C GLY A 451 -2.05 8.98 10.56
N THR A 452 -3.02 9.59 9.90
CA THR A 452 -2.77 10.51 8.78
C THR A 452 -3.65 11.74 8.84
N PRO A 453 -3.15 12.86 8.31
CA PRO A 453 -4.01 14.04 8.27
C PRO A 453 -5.12 13.90 7.23
N ALA A 454 -4.95 13.00 6.27
CA ALA A 454 -6.01 12.70 5.30
C ALA A 454 -7.29 12.29 6.02
N ALA A 455 -7.15 11.61 7.16
CA ALA A 455 -8.29 11.11 7.91
C ALA A 455 -8.72 12.07 9.02
N GLY A 456 -8.02 13.20 9.15
CA GLY A 456 -8.25 14.12 10.26
C GLY A 456 -7.99 13.43 11.59
N ASP A 457 -6.98 12.57 11.61
CA ASP A 457 -6.71 11.76 12.80
C ASP A 457 -6.22 12.61 13.96
N ASN A 458 -6.57 12.21 15.18
CA ASN A 458 -6.06 12.88 16.36
C ASN A 458 -6.00 11.88 17.49
N VAL A 459 -5.04 10.97 17.36
CA VAL A 459 -4.90 9.86 18.28
C VAL A 459 -4.59 10.42 19.67
N THR A 460 -5.29 9.90 20.66
CA THR A 460 -5.34 10.47 22.00
C THR A 460 -5.23 9.33 23.00
N ILE A 461 -4.33 9.49 23.97
CA ILE A 461 -4.05 8.43 24.94
C ILE A 461 -4.06 8.96 26.36
N ARG A 462 -4.38 8.07 27.32
CA ARG A 462 -4.34 8.42 28.74
C ARG A 462 -3.52 7.45 29.58
N PHE A 463 -2.86 7.98 30.60
CA PHE A 463 -2.18 7.18 31.61
C PHE A 463 -2.09 7.94 32.93
N VAL A 464 -1.55 7.27 33.95
CA VAL A 464 -1.36 7.89 35.26
C VAL A 464 0.14 7.91 35.57
N THR A 465 0.60 9.00 36.18
CA THR A 465 2.01 9.19 36.49
C THR A 465 2.40 8.52 37.82
N ASP A 466 2.47 7.20 37.78
CA ASP A 466 2.78 6.36 38.94
C ASP A 466 4.24 5.88 38.90
N ASN A 467 5.08 6.56 38.13
CA ASN A 467 6.39 6.01 37.82
C ASN A 467 7.46 7.09 37.68
N PRO A 468 8.04 7.57 38.80
CA PRO A 468 8.98 8.69 38.75
C PRO A 468 10.24 8.43 37.92
N GLY A 469 10.59 9.37 37.03
CA GLY A 469 11.82 9.29 36.26
C GLY A 469 11.63 9.86 34.87
N PRO A 470 12.72 9.99 34.10
CA PRO A 470 12.66 10.49 32.73
C PRO A 470 12.32 9.36 31.75
N TRP A 471 11.24 9.52 30.98
CA TRP A 471 10.78 8.50 30.03
C TRP A 471 10.69 9.06 28.62
N PHE A 472 11.36 8.40 27.67
CA PHE A 472 11.23 8.74 26.24
C PHE A 472 9.78 8.63 25.75
N LEU A 473 9.38 9.54 24.88
CA LEU A 473 8.18 9.40 24.07
C LEU A 473 8.63 9.79 22.66
N HIS A 474 8.48 8.87 21.71
CA HIS A 474 9.01 9.11 20.36
C HIS A 474 8.35 8.26 19.29
N CYS A 475 8.59 8.65 18.03
CA CYS A 475 8.18 7.81 16.93
C CYS A 475 9.12 6.60 16.90
N HIS A 476 8.59 5.40 16.72
CA HIS A 476 9.39 4.17 16.75
C HIS A 476 9.92 3.82 15.36
N ILE A 477 9.69 4.70 14.38
CA ILE A 477 10.43 4.60 13.14
C ILE A 477 11.82 5.13 13.49
N ASP A 478 12.80 4.24 13.55
CA ASP A 478 14.09 4.52 14.17
C ASP A 478 14.83 5.65 13.43
N PHE A 479 14.59 5.77 12.12
CA PHE A 479 15.22 6.83 11.33
C PHE A 479 14.65 8.19 11.69
N HIS A 480 13.39 8.20 12.15
CA HIS A 480 12.77 9.47 12.56
C HIS A 480 13.23 9.85 13.97
N LEU A 481 13.32 8.86 14.84
CA LEU A 481 13.90 9.09 16.19
C LEU A 481 15.29 9.72 16.05
N GLU A 482 16.11 9.12 15.19
CA GLU A 482 17.46 9.62 14.92
C GLU A 482 17.44 11.07 14.44
N ALA A 483 16.43 11.41 13.63
CA ALA A 483 16.23 12.78 13.16
C ALA A 483 15.52 13.68 14.18
N GLY A 484 15.39 13.23 15.42
CA GLY A 484 14.98 14.09 16.53
C GLY A 484 13.50 14.03 16.93
N PHE A 485 12.77 13.05 16.41
CA PHE A 485 11.30 12.99 16.59
C PHE A 485 10.94 12.37 17.94
N ALA A 486 11.25 13.10 19.00
CA ALA A 486 11.16 12.62 20.38
C ALA A 486 11.08 13.76 21.39
N VAL A 487 10.44 13.46 22.52
CA VAL A 487 10.57 14.25 23.73
C VAL A 487 10.89 13.30 24.90
N VAL A 488 11.27 13.88 26.03
CA VAL A 488 11.43 13.10 27.26
C VAL A 488 10.50 13.71 28.31
N PHE A 489 9.71 12.86 28.97
CA PHE A 489 8.92 13.33 30.10
C PHE A 489 9.74 13.20 31.39
N ALA A 490 9.92 14.30 32.11
CA ALA A 490 10.45 14.23 33.46
C ALA A 490 9.29 13.97 34.42
N GLU A 491 8.94 12.70 34.61
CA GLU A 491 7.78 12.36 35.44
C GLU A 491 8.16 12.41 36.92
N ASP A 492 7.40 13.18 37.70
CA ASP A 492 7.65 13.35 39.14
C ASP A 492 9.13 13.62 39.43
N LEU A 493 9.61 14.74 38.90
CA LEU A 493 10.97 15.19 39.14
C LEU A 493 11.39 15.15 40.62
N PRO A 494 10.59 15.77 41.52
CA PRO A 494 11.05 15.79 42.90
C PRO A 494 11.18 14.39 43.51
N GLY A 495 10.35 13.45 43.08
CA GLY A 495 10.41 12.09 43.58
C GLY A 495 11.38 11.16 42.88
N THR A 496 12.04 11.64 41.83
CA THR A 496 12.91 10.78 41.02
C THR A 496 14.15 10.19 41.73
N PRO A 497 14.95 11.03 42.42
CA PRO A 497 16.11 10.46 43.12
C PRO A 497 15.79 9.37 44.13
N ALA A 498 14.77 9.59 44.97
CA ALA A 498 14.35 8.59 45.97
C ALA A 498 13.82 7.31 45.34
N ALA A 499 13.09 7.46 44.25
CA ALA A 499 12.49 6.30 43.59
C ALA A 499 13.51 5.41 42.88
N ASN A 500 14.59 6.02 42.40
CA ASN A 500 15.56 5.35 41.52
C ASN A 500 16.99 5.35 42.04
N PRO A 501 17.28 4.59 43.10
CA PRO A 501 18.67 4.42 43.51
C PRO A 501 19.46 3.78 42.38
N VAL A 502 20.68 4.25 42.14
CA VAL A 502 21.47 3.77 41.01
C VAL A 502 22.71 2.98 41.44
N PRO A 503 23.04 1.90 40.70
CA PRO A 503 24.25 1.16 41.06
C PRO A 503 25.52 1.87 40.62
N GLN A 504 26.63 1.57 41.28
CA GLN A 504 27.91 2.20 40.94
C GLN A 504 28.27 1.93 39.48
N SER A 505 27.98 0.72 39.01
CA SER A 505 28.26 0.33 37.62
C SER A 505 27.59 1.27 36.62
N TRP A 506 26.37 1.72 36.91
CA TRP A 506 25.69 2.70 36.08
C TRP A 506 26.38 4.06 36.12
N SER A 507 26.78 4.50 37.30
CA SER A 507 27.48 5.80 37.44
C SER A 507 28.81 5.81 36.69
N ASP A 508 29.45 4.64 36.58
CA ASP A 508 30.70 4.53 35.84
C ASP A 508 30.58 4.59 34.32
N LEU A 509 29.40 4.34 33.76
CA LEU A 509 29.24 4.33 32.30
C LEU A 509 29.66 5.63 31.63
N CYS A 510 29.27 6.77 32.21
CA CYS A 510 29.57 8.04 31.53
C CYS A 510 31.06 8.38 31.53
N PRO A 511 31.75 8.27 32.67
CA PRO A 511 33.20 8.52 32.62
C PRO A 511 33.91 7.61 31.62
N ILE A 512 33.56 6.32 31.60
CA ILE A 512 34.17 5.38 30.67
C ILE A 512 33.89 5.74 29.21
N TYR A 513 32.62 6.03 28.90
CA TYR A 513 32.24 6.39 27.54
C TYR A 513 32.89 7.70 27.09
N ASP A 514 32.94 8.68 28.00
CA ASP A 514 33.40 10.02 27.65
C ASP A 514 34.91 10.05 27.42
N ALA A 515 35.60 9.01 27.88
CA ALA A 515 37.03 8.88 27.65
C ALA A 515 37.36 8.36 26.24
N LEU A 516 36.38 7.79 25.55
CA LEU A 516 36.60 7.27 24.19
C LEU A 516 36.87 8.32 23.12
N ALA A 517 37.82 8.03 22.24
CA ALA A 517 37.93 8.77 20.98
C ALA A 517 36.69 8.48 20.13
N GLU A 518 36.34 9.42 19.26
CA GLU A 518 35.19 9.27 18.37
C GLU A 518 35.21 7.94 17.61
N ASP A 519 36.35 7.54 17.07
CA ASP A 519 36.43 6.30 16.28
C ASP A 519 36.21 5.04 17.12
N ASP A 520 36.23 5.20 18.44
CA ASP A 520 36.02 4.07 19.35
C ASP A 520 34.62 4.04 19.95
N GLN A 521 33.78 5.02 19.57
CA GLN A 521 32.40 5.06 20.07
C GLN A 521 31.49 4.08 19.33
N SER B 22 1.16 14.18 -32.52
CA SER B 22 -0.13 13.42 -32.52
C SER B 22 -0.54 13.08 -33.96
N VAL B 23 -1.55 12.21 -34.05
CA VAL B 23 -2.18 11.87 -35.32
C VAL B 23 -3.70 11.97 -35.17
N GLY B 24 -4.41 11.98 -36.31
CA GLY B 24 -5.87 11.86 -36.30
C GLY B 24 -6.55 13.19 -36.59
N PRO B 25 -7.88 13.19 -36.77
CA PRO B 25 -8.81 12.06 -36.68
C PRO B 25 -8.73 11.04 -37.81
N VAL B 26 -8.05 11.39 -38.91
CA VAL B 26 -7.80 10.44 -39.99
C VAL B 26 -6.31 10.08 -39.95
N ALA B 27 -5.99 8.81 -39.78
CA ALA B 27 -4.62 8.40 -39.49
C ALA B 27 -4.35 6.93 -39.82
N ASN B 28 -3.10 6.65 -40.17
CA ASN B 28 -2.59 5.28 -40.14
C ASN B 28 -1.90 4.98 -38.82
N LEU B 29 -2.20 3.81 -38.28
CA LEU B 29 -1.57 3.30 -37.07
C LEU B 29 -0.90 1.98 -37.42
N LYS B 30 0.42 2.04 -37.59
CA LYS B 30 1.22 0.87 -37.92
C LYS B 30 1.58 0.13 -36.65
N ILE B 31 1.12 -1.11 -36.57
CA ILE B 31 1.37 -1.94 -35.40
C ILE B 31 2.51 -2.91 -35.73
N GLY B 32 3.56 -2.86 -34.93
CA GLY B 32 4.75 -3.64 -35.25
C GLY B 32 5.48 -4.06 -34.00
N ASN B 33 6.56 -4.82 -34.19
CA ASN B 33 7.42 -5.23 -33.09
C ASN B 33 8.71 -4.41 -33.15
N ALA B 34 9.19 -4.00 -31.98
CA ALA B 34 10.48 -3.32 -31.91
C ALA B 34 11.12 -3.57 -30.55
N ALA B 35 12.46 -3.47 -30.49
CA ALA B 35 13.14 -3.46 -29.21
C ALA B 35 13.04 -2.04 -28.67
N VAL B 36 12.60 -1.92 -27.43
CA VAL B 36 12.42 -0.61 -26.77
C VAL B 36 13.08 -0.63 -25.39
N SER B 37 13.40 0.56 -24.85
CA SER B 37 13.90 0.61 -23.47
C SER B 37 13.37 1.80 -22.68
N PRO B 38 12.07 1.78 -22.39
CA PRO B 38 11.41 2.90 -21.74
C PRO B 38 11.94 3.13 -20.33
N ASP B 39 12.50 2.08 -19.72
CA ASP B 39 13.04 2.18 -18.36
C ASP B 39 14.52 1.81 -18.34
N GLY B 40 15.17 1.96 -19.48
CA GLY B 40 16.60 1.68 -19.56
C GLY B 40 16.99 0.24 -19.76
N TYR B 41 16.02 -0.67 -19.76
CA TYR B 41 16.25 -2.08 -20.03
C TYR B 41 15.63 -2.40 -21.39
N THR B 42 16.38 -3.06 -22.28
CA THR B 42 15.88 -3.34 -23.63
C THR B 42 15.08 -4.64 -23.72
N ARG B 43 13.86 -4.54 -24.26
CA ARG B 43 13.06 -5.73 -24.55
C ARG B 43 12.20 -5.53 -25.78
N ASP B 44 11.76 -6.65 -26.36
CA ASP B 44 10.90 -6.64 -27.54
C ASP B 44 9.48 -6.29 -27.10
N ALA B 45 8.82 -5.45 -27.87
CA ALA B 45 7.46 -5.01 -27.51
C ALA B 45 6.56 -4.94 -28.74
N VAL B 46 5.30 -4.58 -28.51
CA VAL B 46 4.37 -4.22 -29.56
C VAL B 46 4.30 -2.70 -29.56
N VAL B 47 4.60 -2.07 -30.70
CA VAL B 47 4.64 -0.61 -30.79
C VAL B 47 3.65 -0.08 -31.83
N VAL B 48 3.32 1.20 -31.72
CA VAL B 48 2.39 1.91 -32.59
C VAL B 48 3.15 3.06 -33.25
N ASN B 49 3.22 3.05 -34.58
CA ASN B 49 4.04 4.01 -35.33
C ASN B 49 5.43 4.13 -34.71
N GLY B 50 5.98 2.97 -34.35
CA GLY B 50 7.35 2.86 -33.87
C GLY B 50 7.55 3.04 -32.37
N ALA B 51 6.51 3.40 -31.64
CA ALA B 51 6.68 3.76 -30.22
C ALA B 51 5.71 3.08 -29.27
N THR B 52 6.17 2.86 -28.04
CA THR B 52 5.27 2.53 -26.94
C THR B 52 5.62 3.41 -25.75
N PRO B 53 4.62 4.01 -25.11
CA PRO B 53 3.22 4.02 -25.51
C PRO B 53 3.02 4.66 -26.88
N GLY B 54 1.90 4.38 -27.53
CA GLY B 54 1.62 4.85 -28.87
C GLY B 54 1.35 6.35 -28.89
N PRO B 55 1.29 6.93 -30.09
CA PRO B 55 1.09 8.37 -30.27
C PRO B 55 -0.28 8.81 -29.73
N LEU B 56 -0.35 10.06 -29.31
CA LEU B 56 -1.62 10.71 -28.98
C LEU B 56 -2.50 10.73 -30.23
N ILE B 57 -3.70 10.16 -30.15
CA ILE B 57 -4.69 10.36 -31.23
C ILE B 57 -5.56 11.55 -30.84
N VAL B 58 -5.80 12.47 -31.77
CA VAL B 58 -6.65 13.63 -31.49
C VAL B 58 -7.84 13.82 -32.43
N GLY B 59 -8.86 14.50 -31.94
CA GLY B 59 -9.96 15.02 -32.78
C GLY B 59 -10.77 16.05 -32.02
N ASN B 60 -11.80 16.60 -32.65
CA ASN B 60 -12.77 17.45 -31.97
C ASN B 60 -14.12 16.78 -31.79
N LYS B 61 -14.90 17.28 -30.83
CA LYS B 61 -16.25 16.79 -30.57
C LYS B 61 -17.01 16.68 -31.89
N GLY B 62 -17.59 15.52 -32.14
CA GLY B 62 -18.37 15.31 -33.35
C GLY B 62 -17.60 14.81 -34.55
N ASP B 63 -16.27 14.79 -34.47
CA ASP B 63 -15.46 14.35 -35.61
C ASP B 63 -15.73 12.89 -35.97
N ASN B 64 -15.69 12.62 -37.26
CA ASN B 64 -15.59 11.27 -37.78
C ASN B 64 -14.13 10.86 -37.80
N PHE B 65 -13.85 9.75 -37.14
CA PHE B 65 -12.53 9.14 -37.11
C PHE B 65 -12.44 8.04 -38.16
N ARG B 66 -11.30 7.99 -38.83
CA ARG B 66 -10.97 6.91 -39.75
C ARG B 66 -9.55 6.47 -39.39
N LEU B 67 -9.48 5.44 -38.55
CA LEU B 67 -8.20 5.03 -37.99
C LEU B 67 -7.86 3.71 -38.63
N ASN B 68 -6.90 3.80 -39.55
CA ASN B 68 -6.53 2.65 -40.36
C ASN B 68 -5.39 1.90 -39.66
N VAL B 69 -5.72 0.75 -39.10
CA VAL B 69 -4.80 -0.05 -38.31
C VAL B 69 -4.10 -1.05 -39.23
N ILE B 70 -2.78 -0.88 -39.35
CA ILE B 70 -1.98 -1.67 -40.28
C ILE B 70 -1.16 -2.65 -39.43
N ASP B 71 -1.52 -3.94 -39.47
CA ASP B 71 -0.83 -4.92 -38.65
C ASP B 71 0.42 -5.43 -39.38
N GLU B 72 1.60 -5.12 -38.85
CA GLU B 72 2.88 -5.58 -39.39
C GLU B 72 3.62 -6.48 -38.38
N LEU B 73 2.88 -7.03 -37.42
CA LEU B 73 3.51 -7.80 -36.35
C LEU B 73 4.08 -9.13 -36.86
N THR B 74 5.26 -9.49 -36.38
CA THR B 74 5.94 -10.71 -36.81
C THR B 74 6.19 -11.69 -35.68
N ASN B 75 5.90 -11.29 -34.44
CA ASN B 75 6.32 -12.09 -33.29
C ASN B 75 5.14 -12.80 -32.61
N HIS B 76 5.04 -14.11 -32.81
CA HIS B 76 3.88 -14.84 -32.28
C HIS B 76 3.80 -14.84 -30.75
N THR B 77 4.93 -14.71 -30.08
CA THR B 77 4.96 -14.70 -28.62
C THR B 77 4.18 -13.53 -28.02
N MET B 78 4.06 -12.44 -28.78
CA MET B 78 3.27 -11.30 -28.34
C MET B 78 2.02 -11.14 -29.23
N LEU B 79 1.76 -12.17 -30.04
CA LEU B 79 0.63 -12.34 -30.98
C LEU B 79 0.79 -11.50 -32.24
N LYS B 80 0.68 -12.15 -33.40
CA LYS B 80 0.80 -11.50 -34.70
C LYS B 80 -0.48 -10.77 -35.12
N SER B 81 -1.60 -11.19 -34.55
CA SER B 81 -2.90 -10.58 -34.77
C SER B 81 -3.15 -9.42 -33.78
N THR B 82 -4.15 -8.59 -34.05
CA THR B 82 -4.46 -7.52 -33.11
C THR B 82 -5.92 -7.07 -33.27
N SER B 83 -6.40 -6.32 -32.30
CA SER B 83 -7.75 -5.78 -32.35
C SER B 83 -7.68 -4.57 -31.41
N ILE B 84 -8.13 -3.41 -31.86
CA ILE B 84 -7.94 -2.19 -31.07
C ILE B 84 -9.29 -1.70 -30.56
N HIS B 85 -9.33 -1.44 -29.26
CA HIS B 85 -10.49 -0.85 -28.63
C HIS B 85 -10.23 0.63 -28.32
N TRP B 86 -11.23 1.45 -28.58
CA TRP B 86 -11.19 2.91 -28.38
C TRP B 86 -11.97 3.17 -27.10
N HIS B 87 -11.23 3.14 -25.99
CA HIS B 87 -11.83 3.05 -24.66
C HIS B 87 -12.62 4.31 -24.31
N GLY B 88 -13.92 4.15 -24.10
CA GLY B 88 -14.78 5.26 -23.68
C GLY B 88 -15.79 5.71 -24.74
N PHE B 89 -15.53 5.39 -26.00
CA PHE B 89 -16.42 5.76 -27.10
C PHE B 89 -17.67 4.89 -27.14
N PHE B 90 -18.84 5.51 -27.30
CA PHE B 90 -20.11 4.80 -27.28
C PHE B 90 -20.31 3.86 -28.47
N GLN B 91 -19.72 4.20 -29.62
CA GLN B 91 -19.83 3.38 -30.82
C GLN B 91 -21.29 3.12 -31.22
N HIS B 92 -22.15 4.13 -31.07
CA HIS B 92 -23.57 3.98 -31.38
C HIS B 92 -23.71 3.67 -32.87
N GLY B 93 -24.27 2.51 -33.19
CA GLY B 93 -24.43 2.08 -34.58
C GLY B 93 -23.14 1.65 -35.27
N THR B 94 -22.04 1.60 -34.52
CA THR B 94 -20.75 1.13 -35.03
C THR B 94 -20.16 0.10 -34.05
N ASN B 95 -21.01 -0.80 -33.58
CA ASN B 95 -20.56 -1.85 -32.66
C ASN B 95 -19.38 -2.63 -33.21
N TRP B 96 -19.35 -2.81 -34.54
CA TRP B 96 -18.31 -3.56 -35.24
C TRP B 96 -16.93 -2.91 -35.10
N ALA B 97 -16.90 -1.66 -34.66
CA ALA B 97 -15.64 -0.92 -34.51
C ALA B 97 -15.14 -0.87 -33.06
N ASP B 98 -15.88 -1.48 -32.13
CA ASP B 98 -15.57 -1.34 -30.71
C ASP B 98 -14.28 -2.06 -30.29
N GLY B 99 -13.90 -3.11 -31.01
CA GLY B 99 -12.56 -3.69 -30.83
C GLY B 99 -12.37 -4.88 -29.92
N GLY B 100 -13.42 -5.27 -29.20
CA GLY B 100 -13.33 -6.41 -28.28
C GLY B 100 -13.15 -7.69 -29.10
N ALA B 101 -11.97 -8.31 -28.98
CA ALA B 101 -11.72 -9.53 -29.74
C ALA B 101 -12.74 -10.64 -29.42
N PHE B 102 -13.32 -11.19 -30.49
CA PHE B 102 -14.35 -12.24 -30.43
C PHE B 102 -15.67 -11.79 -29.81
N VAL B 103 -15.81 -10.49 -29.63
CA VAL B 103 -17.09 -9.94 -29.23
C VAL B 103 -17.58 -9.04 -30.35
N ASN B 104 -16.73 -8.09 -30.75
CA ASN B 104 -17.12 -7.14 -31.77
C ASN B 104 -16.49 -7.42 -33.13
N GLN B 105 -15.45 -8.27 -33.17
CA GLN B 105 -14.75 -8.59 -34.42
C GLN B 105 -13.87 -9.81 -34.24
N CYS B 106 -13.43 -10.43 -35.33
CA CYS B 106 -12.26 -11.30 -35.28
C CYS B 106 -11.04 -10.40 -35.37
N PRO B 107 -9.89 -10.85 -34.83
CA PRO B 107 -8.71 -9.99 -34.90
C PRO B 107 -8.31 -9.69 -36.34
N ILE B 108 -7.59 -8.58 -36.52
CA ILE B 108 -6.87 -8.28 -37.75
C ILE B 108 -5.68 -9.24 -37.83
N SER B 109 -5.35 -9.72 -39.03
CA SER B 109 -4.28 -10.68 -39.21
C SER B 109 -3.04 -9.93 -39.68
N SER B 110 -1.85 -10.45 -39.37
CA SER B 110 -0.64 -9.75 -39.80
C SER B 110 -0.61 -9.64 -41.32
N GLY B 111 -0.06 -8.54 -41.82
CA GLY B 111 0.00 -8.33 -43.26
C GLY B 111 -1.27 -7.68 -43.78
N HIS B 112 -2.19 -7.32 -42.89
CA HIS B 112 -3.46 -6.74 -43.28
C HIS B 112 -3.73 -5.44 -42.55
N SER B 113 -4.62 -4.63 -43.12
CA SER B 113 -5.06 -3.38 -42.51
C SER B 113 -6.56 -3.48 -42.27
N PHE B 114 -7.07 -2.68 -41.35
CA PHE B 114 -8.49 -2.57 -41.09
C PHE B 114 -8.79 -1.18 -40.55
N SER B 115 -9.73 -0.49 -41.19
CA SER B 115 -10.05 0.89 -40.81
C SER B 115 -11.24 0.96 -39.85
N TYR B 116 -10.98 1.45 -38.65
CA TYR B 116 -12.02 1.73 -37.67
C TYR B 116 -12.62 3.11 -37.95
N ASN B 117 -13.86 3.12 -38.41
CA ASN B 117 -14.51 4.36 -38.82
C ASN B 117 -15.68 4.62 -37.89
N PHE B 118 -15.54 5.63 -37.04
CA PHE B 118 -16.55 5.89 -36.01
C PHE B 118 -16.60 7.38 -35.71
N GLN B 119 -17.63 7.80 -34.99
CA GLN B 119 -17.80 9.23 -34.69
C GLN B 119 -17.70 9.50 -33.19
N ALA B 120 -17.15 10.64 -32.82
CA ALA B 120 -17.23 11.09 -31.43
C ALA B 120 -18.54 11.86 -31.27
N LYS B 121 -19.65 11.12 -31.32
CA LYS B 121 -20.99 11.68 -31.31
C LYS B 121 -21.38 12.13 -29.90
N ASP B 122 -21.53 13.45 -29.74
CA ASP B 122 -21.86 14.06 -28.47
C ASP B 122 -20.86 13.66 -27.39
N GLN B 123 -19.61 13.43 -27.79
CA GLN B 123 -18.57 13.07 -26.82
C GLN B 123 -17.33 13.95 -26.98
N ALA B 124 -16.74 14.34 -25.85
CA ALA B 124 -15.46 15.02 -25.82
C ALA B 124 -14.84 14.78 -24.47
N GLY B 125 -13.51 14.74 -24.43
CA GLY B 125 -12.79 14.51 -23.19
C GLY B 125 -11.58 13.63 -23.46
N THR B 126 -11.16 12.92 -22.41
CA THR B 126 -9.93 12.17 -22.40
C THR B 126 -10.23 10.67 -22.46
N PHE B 127 -9.67 10.01 -23.48
CA PHE B 127 -9.94 8.61 -23.75
C PHE B 127 -8.59 7.94 -23.92
N TRP B 128 -8.58 6.67 -24.33
CA TRP B 128 -7.33 6.00 -24.70
C TRP B 128 -7.66 4.84 -25.63
N TYR B 129 -6.62 4.20 -26.16
CA TYR B 129 -6.84 3.09 -27.09
C TYR B 129 -5.84 2.01 -26.70
N HIS B 130 -6.24 0.76 -26.90
CA HIS B 130 -5.40 -0.36 -26.49
C HIS B 130 -5.81 -1.63 -27.23
N SER B 131 -4.86 -2.53 -27.43
CA SER B 131 -5.21 -3.86 -27.91
C SER B 131 -6.28 -4.45 -27.00
N HIS B 132 -7.27 -5.12 -27.60
CA HIS B 132 -8.25 -5.83 -26.79
C HIS B 132 -8.22 -7.30 -27.23
N LEU B 133 -7.02 -7.77 -27.53
CA LEU B 133 -6.77 -9.18 -27.85
C LEU B 133 -5.89 -9.79 -26.77
N SER B 134 -6.47 -10.68 -25.97
CA SER B 134 -5.75 -11.31 -24.86
C SER B 134 -5.06 -10.25 -24.02
N THR B 135 -3.80 -10.48 -23.64
CA THR B 135 -3.07 -9.50 -22.82
C THR B 135 -2.08 -8.67 -23.63
N GLN B 136 -2.36 -8.54 -24.92
CA GLN B 136 -1.40 -7.91 -25.81
C GLN B 136 -1.17 -6.44 -25.46
N TYR B 137 -2.14 -5.74 -24.88
CA TYR B 137 -1.85 -4.33 -24.58
C TYR B 137 -0.74 -4.16 -23.53
N CYS B 138 -0.56 -5.16 -22.67
CA CYS B 138 0.52 -5.13 -21.68
C CYS B 138 1.88 -5.11 -22.37
N ASP B 139 1.98 -5.76 -23.52
CA ASP B 139 3.24 -5.81 -24.29
C ASP B 139 3.48 -4.54 -25.08
N GLY B 140 2.59 -3.55 -24.97
CA GLY B 140 2.90 -2.21 -25.44
C GLY B 140 1.85 -1.48 -26.27
N LEU B 141 0.81 -2.19 -26.71
CA LEU B 141 -0.15 -1.58 -27.62
C LEU B 141 -1.20 -0.80 -26.83
N ARG B 142 -0.86 0.44 -26.49
CA ARG B 142 -1.67 1.31 -25.67
C ARG B 142 -1.19 2.75 -25.86
N GLY B 143 -2.14 3.69 -25.93
CA GLY B 143 -1.77 5.10 -26.07
C GLY B 143 -2.95 5.95 -25.71
N PRO B 144 -2.74 7.26 -25.56
CA PRO B 144 -3.78 8.23 -25.18
C PRO B 144 -4.58 8.72 -26.39
N PHE B 145 -5.79 9.23 -26.14
CA PHE B 145 -6.69 9.63 -27.22
C PHE B 145 -7.51 10.79 -26.67
N VAL B 146 -7.35 11.98 -27.23
CA VAL B 146 -8.06 13.15 -26.74
C VAL B 146 -9.00 13.77 -27.78
N VAL B 147 -10.26 13.98 -27.39
CA VAL B 147 -11.24 14.66 -28.22
C VAL B 147 -11.50 16.04 -27.61
N TYR B 148 -11.00 17.09 -28.26
CA TYR B 148 -11.11 18.46 -27.77
C TYR B 148 -12.52 19.00 -27.98
N ASP B 149 -12.96 19.87 -27.08
CA ASP B 149 -14.23 20.57 -27.23
C ASP B 149 -13.97 22.06 -27.51
N PRO B 150 -14.25 22.52 -28.74
CA PRO B 150 -14.07 23.95 -29.05
C PRO B 150 -14.96 24.84 -28.18
N LYS B 151 -16.00 24.27 -27.58
CA LYS B 151 -16.85 25.02 -26.66
C LYS B 151 -16.79 24.48 -25.23
N ASP B 152 -15.62 23.96 -24.85
CA ASP B 152 -15.43 23.36 -23.54
C ASP B 152 -15.91 24.31 -22.45
N PRO B 153 -16.87 23.84 -21.63
CA PRO B 153 -17.42 24.67 -20.56
C PRO B 153 -16.37 25.04 -19.50
N HIS B 154 -15.26 24.32 -19.46
CA HIS B 154 -14.20 24.61 -18.50
C HIS B 154 -13.07 25.45 -19.06
N LYS B 155 -13.21 25.95 -20.29
CA LYS B 155 -12.10 26.56 -21.00
C LYS B 155 -11.49 27.76 -20.28
N LYS B 156 -12.33 28.56 -19.62
CA LYS B 156 -11.84 29.71 -18.87
C LYS B 156 -10.97 29.38 -17.65
N LEU B 157 -10.88 28.10 -17.29
CA LEU B 157 -10.09 27.70 -16.14
C LEU B 157 -8.60 27.46 -16.45
N TYR B 158 -8.23 27.49 -17.73
CA TYR B 158 -6.85 27.14 -18.10
C TYR B 158 -6.30 27.85 -19.34
N ASP B 159 -4.98 27.85 -19.47
CA ASP B 159 -4.31 28.51 -20.59
C ASP B 159 -3.70 27.53 -21.59
N VAL B 160 -3.31 26.36 -21.11
CA VAL B 160 -2.58 25.41 -21.95
C VAL B 160 -3.26 24.05 -21.88
N ASP B 161 -3.56 23.51 -23.05
CA ASP B 161 -4.11 22.16 -23.17
C ASP B 161 -3.70 21.61 -24.52
N ASN B 162 -2.72 20.71 -24.56
CA ASN B 162 -2.20 20.22 -25.82
C ASN B 162 -1.47 18.89 -25.59
N GLU B 163 -0.71 18.44 -26.59
CA GLU B 163 0.00 17.17 -26.47
C GLU B 163 0.85 17.10 -25.20
N SER B 164 1.51 18.21 -24.87
CA SER B 164 2.44 18.23 -23.73
C SER B 164 1.73 18.25 -22.37
N THR B 165 0.41 18.41 -22.34
CA THR B 165 -0.33 18.30 -21.08
C THR B 165 -1.00 16.93 -20.87
N VAL B 166 -0.81 15.98 -21.78
CA VAL B 166 -1.30 14.61 -21.57
C VAL B 166 -0.25 13.86 -20.73
N ILE B 167 -0.72 13.20 -19.67
CA ILE B 167 0.18 12.44 -18.80
C ILE B 167 -0.31 11.00 -18.80
N THR B 168 0.51 10.07 -19.29
CA THR B 168 0.13 8.66 -19.30
C THR B 168 0.84 7.92 -18.16
N LEU B 169 0.15 6.97 -17.54
CA LEU B 169 0.76 6.12 -16.54
C LEU B 169 0.71 4.70 -17.07
N GLU B 170 1.83 3.99 -16.97
CA GLU B 170 1.81 2.60 -17.33
C GLU B 170 2.71 1.68 -16.50
N ASP B 171 2.24 0.45 -16.28
CA ASP B 171 3.04 -0.60 -15.65
C ASP B 171 3.89 -1.26 -16.73
N TRP B 172 5.16 -1.53 -16.42
CA TRP B 172 6.03 -2.11 -17.43
C TRP B 172 6.73 -3.33 -16.87
N TYR B 173 6.81 -4.38 -17.68
CA TYR B 173 7.29 -5.68 -17.21
C TYR B 173 8.51 -6.04 -18.05
N HIS B 174 9.54 -6.61 -17.44
CA HIS B 174 10.68 -7.09 -18.22
C HIS B 174 10.45 -8.42 -18.90
N THR B 175 9.52 -9.22 -18.39
CA THR B 175 9.14 -10.48 -19.02
C THR B 175 7.82 -10.27 -19.74
N ALA B 176 7.74 -10.74 -20.99
CA ALA B 176 6.56 -10.53 -21.80
C ALA B 176 5.32 -11.21 -21.23
N ALA B 177 4.16 -10.67 -21.58
CA ALA B 177 2.88 -11.06 -20.98
C ALA B 177 2.62 -12.56 -21.09
N ARG B 178 2.96 -13.14 -22.23
CA ARG B 178 2.70 -14.59 -22.45
C ARG B 178 3.83 -15.49 -21.96
N LEU B 179 4.91 -14.89 -21.48
CA LEU B 179 6.06 -15.65 -20.98
C LEU B 179 6.18 -15.64 -19.46
N GLY B 180 5.52 -14.71 -18.78
CA GLY B 180 5.63 -14.67 -17.32
C GLY B 180 4.46 -15.38 -16.64
N PRO B 181 4.23 -15.04 -15.36
CA PRO B 181 3.13 -15.66 -14.61
C PRO B 181 1.77 -15.30 -15.21
N ARG B 182 0.80 -16.18 -15.01
CA ARG B 182 -0.59 -15.93 -15.40
C ARG B 182 -1.12 -14.72 -14.66
N PHE B 183 -0.70 -14.57 -13.39
CA PHE B 183 -1.08 -13.42 -12.59
C PHE B 183 0.17 -12.77 -12.00
N PRO B 184 0.78 -11.84 -12.74
CA PRO B 184 1.98 -11.19 -12.25
C PRO B 184 1.73 -10.58 -10.87
N LEU B 185 2.71 -10.73 -9.98
CA LEU B 185 2.59 -10.25 -8.62
C LEU B 185 3.29 -8.89 -8.44
N GLY B 186 3.63 -8.24 -9.54
CA GLY B 186 4.13 -6.87 -9.50
C GLY B 186 4.80 -6.49 -10.81
N SER B 187 5.01 -5.20 -11.05
CA SER B 187 5.66 -4.75 -12.28
C SER B 187 7.11 -4.38 -12.04
N ASP B 188 7.88 -4.18 -13.12
CA ASP B 188 9.28 -3.84 -12.96
C ASP B 188 9.56 -2.34 -13.01
N SER B 189 8.64 -1.57 -13.56
CA SER B 189 8.77 -0.12 -13.48
C SER B 189 7.42 0.52 -13.75
N THR B 190 7.30 1.78 -13.35
CA THR B 190 6.16 2.62 -13.70
C THR B 190 6.71 3.61 -14.72
N LEU B 191 5.99 3.76 -15.84
CA LEU B 191 6.40 4.71 -16.87
C LEU B 191 5.42 5.88 -16.83
N ILE B 192 5.98 7.09 -16.79
CA ILE B 192 5.16 8.29 -16.84
C ILE B 192 5.54 8.96 -18.16
N ASN B 193 4.55 9.19 -19.01
CA ASN B 193 4.82 9.65 -20.39
C ASN B 193 5.92 8.79 -21.01
N GLY B 194 5.83 7.48 -20.79
CA GLY B 194 6.69 6.55 -21.50
C GLY B 194 8.07 6.29 -20.91
N LEU B 195 8.42 6.97 -19.83
CA LEU B 195 9.76 6.85 -19.24
C LEU B 195 9.68 6.61 -17.74
N GLY B 196 10.67 5.90 -17.22
CA GLY B 196 10.73 5.78 -15.76
C GLY B 196 11.91 4.93 -15.32
N ARG B 197 12.14 4.88 -14.02
CA ARG B 197 13.26 4.10 -13.49
C ARG B 197 12.85 2.70 -13.07
N SER B 198 13.71 1.72 -13.35
CA SER B 198 13.48 0.34 -12.95
C SER B 198 14.38 -0.01 -11.76
N ALA B 199 13.76 -0.39 -10.65
CA ALA B 199 14.53 -0.74 -9.45
C ALA B 199 15.36 -2.00 -9.72
N THR B 200 14.79 -2.98 -10.39
CA THR B 200 15.45 -4.27 -10.53
C THR B 200 16.69 -4.27 -11.43
N THR B 201 16.73 -3.35 -12.39
CA THR B 201 17.90 -3.23 -13.25
C THR B 201 18.77 -2.00 -12.96
N ALA B 202 18.29 -1.12 -12.09
CA ALA B 202 18.98 0.12 -11.75
C ALA B 202 19.22 0.99 -12.98
N THR B 203 18.21 1.08 -13.84
CA THR B 203 18.33 1.81 -15.11
C THR B 203 17.16 2.77 -15.28
N GLY B 204 17.26 3.64 -16.29
CA GLY B 204 16.12 4.44 -16.69
C GLY B 204 16.24 5.93 -16.45
N ASP B 205 15.47 6.67 -17.25
CA ASP B 205 15.45 8.12 -17.18
C ASP B 205 14.09 8.60 -16.67
N LEU B 206 14.02 9.89 -16.38
CA LEU B 206 12.80 10.51 -15.87
C LEU B 206 12.20 11.41 -16.95
N ALA B 207 10.89 11.28 -17.15
CA ALA B 207 10.13 12.21 -17.97
C ALA B 207 10.15 13.60 -17.33
N VAL B 208 10.15 14.62 -18.18
CA VAL B 208 10.09 16.02 -17.74
C VAL B 208 8.81 16.63 -18.31
N ILE B 209 8.00 17.23 -17.44
CA ILE B 209 6.79 17.93 -17.83
C ILE B 209 7.05 19.42 -17.58
N LYS B 210 7.02 20.24 -18.63
CA LYS B 210 7.43 21.63 -18.46
C LYS B 210 6.23 22.52 -18.19
N VAL B 211 6.45 23.50 -17.33
CA VAL B 211 5.44 24.51 -17.07
C VAL B 211 6.12 25.86 -16.99
N THR B 212 5.32 26.90 -17.22
CA THR B 212 5.80 28.28 -17.16
C THR B 212 5.06 28.95 -16.01
N ARG B 213 5.81 29.50 -15.06
CA ARG B 213 5.18 30.18 -13.93
C ARG B 213 4.15 31.20 -14.42
N GLY B 214 2.97 31.16 -13.81
CA GLY B 214 1.91 32.09 -14.12
C GLY B 214 0.86 31.58 -15.09
N LYS B 215 1.10 30.41 -15.68
CA LYS B 215 0.13 29.80 -16.59
C LYS B 215 -0.58 28.63 -15.90
N ARG B 216 -1.81 28.38 -16.34
CA ARG B 216 -2.65 27.30 -15.82
C ARG B 216 -2.77 26.20 -16.88
N TYR B 217 -2.71 24.95 -16.44
CA TYR B 217 -2.58 23.80 -17.32
C TYR B 217 -3.73 22.83 -17.10
N ARG B 218 -4.32 22.35 -18.19
CA ARG B 218 -5.24 21.23 -18.13
C ARG B 218 -4.43 19.98 -18.42
N PHE B 219 -3.99 19.30 -17.36
CA PHE B 219 -3.34 18.02 -17.53
C PHE B 219 -4.39 16.92 -17.67
N ARG B 220 -4.14 16.00 -18.60
CA ARG B 220 -5.09 14.97 -18.94
C ARG B 220 -4.38 13.68 -18.56
N LEU B 221 -4.77 13.16 -17.40
CA LEU B 221 -4.11 12.02 -16.80
C LEU B 221 -4.82 10.72 -17.20
N VAL B 222 -4.06 9.78 -17.75
CA VAL B 222 -4.64 8.57 -18.34
C VAL B 222 -3.93 7.35 -17.80
N SER B 223 -4.65 6.43 -17.16
CA SER B 223 -4.03 5.17 -16.78
C SER B 223 -4.13 4.20 -17.94
N LEU B 224 -2.98 3.79 -18.45
CA LEU B 224 -2.85 2.70 -19.43
C LEU B 224 -2.47 1.39 -18.74
N SER B 225 -2.74 1.32 -17.44
CA SER B 225 -2.29 0.17 -16.65
C SER B 225 -2.93 -1.15 -17.07
N CYS B 226 -2.13 -2.20 -17.11
CA CYS B 226 -2.67 -3.55 -17.18
C CYS B 226 -3.14 -4.12 -15.85
N ASP B 227 -2.75 -3.50 -14.73
CA ASP B 227 -3.06 -4.07 -13.41
C ASP B 227 -3.11 -3.07 -12.24
N PRO B 228 -1.94 -2.57 -11.80
CA PRO B 228 -2.00 -1.75 -10.58
C PRO B 228 -2.80 -0.44 -10.69
N PHE B 229 -3.34 0.01 -9.56
CA PHE B 229 -3.83 1.38 -9.46
C PHE B 229 -2.69 2.27 -9.01
N TYR B 230 -2.71 3.56 -9.37
CA TYR B 230 -1.63 4.46 -8.98
C TYR B 230 -2.17 5.50 -8.01
N THR B 231 -1.35 5.84 -7.03
CA THR B 231 -1.64 7.02 -6.21
C THR B 231 -0.77 8.13 -6.81
N PHE B 232 -1.45 9.13 -7.37
CA PHE B 232 -0.83 10.16 -8.20
C PHE B 232 -0.90 11.50 -7.49
N SER B 233 0.24 12.20 -7.46
CA SER B 233 0.29 13.54 -6.90
C SER B 233 1.48 14.32 -7.49
N ILE B 234 1.47 15.62 -7.24
CA ILE B 234 2.55 16.48 -7.72
C ILE B 234 3.00 17.34 -6.55
N ASP B 235 4.25 17.21 -6.13
CA ASP B 235 4.73 17.94 -4.95
C ASP B 235 4.47 19.44 -5.11
N GLY B 236 3.99 20.07 -4.03
CA GLY B 236 3.80 21.52 -3.97
C GLY B 236 2.63 22.09 -4.75
N HIS B 237 1.85 21.21 -5.38
CA HIS B 237 0.77 21.64 -6.25
C HIS B 237 -0.50 20.84 -6.01
N ASN B 238 -1.63 21.54 -5.94
CA ASN B 238 -2.93 20.87 -5.94
C ASN B 238 -3.44 20.65 -7.34
N MET B 239 -4.46 19.79 -7.44
CA MET B 239 -5.03 19.38 -8.71
C MET B 239 -6.54 19.64 -8.67
N THR B 240 -7.02 20.49 -9.56
CA THR B 240 -8.46 20.76 -9.62
C THR B 240 -9.10 19.89 -10.68
N ILE B 241 -9.75 18.81 -10.26
CA ILE B 241 -10.41 17.88 -11.17
C ILE B 241 -11.61 18.52 -11.85
N ILE B 242 -11.67 18.42 -13.17
CA ILE B 242 -12.75 18.97 -13.99
C ILE B 242 -13.35 17.93 -14.94
N GLU B 243 -12.74 16.75 -15.00
CA GLU B 243 -13.22 15.69 -15.88
C GLU B 243 -12.89 14.32 -15.27
N ALA B 244 -13.85 13.40 -15.33
CA ALA B 244 -13.60 11.99 -14.99
C ALA B 244 -14.12 11.09 -16.10
N ASP B 245 -13.24 10.22 -16.62
CA ASP B 245 -13.56 9.32 -17.73
C ASP B 245 -14.36 10.01 -18.84
N ALA B 246 -13.87 11.14 -19.33
CA ALA B 246 -14.51 11.89 -20.42
C ALA B 246 -15.87 12.52 -20.12
N VAL B 247 -16.25 12.64 -18.86
CA VAL B 247 -17.47 13.38 -18.50
C VAL B 247 -17.11 14.55 -17.59
N ASN B 248 -17.60 15.74 -17.93
CA ASN B 248 -17.28 16.92 -17.15
C ASN B 248 -17.86 16.90 -15.73
N THR B 249 -17.02 17.27 -14.78
CA THR B 249 -17.43 17.38 -13.38
C THR B 249 -17.42 18.84 -12.95
N LYS B 250 -18.11 19.15 -11.86
CA LYS B 250 -17.89 20.41 -11.16
C LYS B 250 -16.44 20.36 -10.65
N PRO B 251 -15.73 21.51 -10.70
CA PRO B 251 -14.34 21.51 -10.25
C PRO B 251 -14.22 21.07 -8.79
N HIS B 252 -13.21 20.26 -8.52
CA HIS B 252 -13.00 19.76 -7.17
C HIS B 252 -11.51 19.57 -6.95
N THR B 253 -10.98 20.32 -5.99
CA THR B 253 -9.54 20.37 -5.77
C THR B 253 -9.08 19.35 -4.75
N VAL B 254 -8.04 18.59 -5.11
CA VAL B 254 -7.45 17.53 -4.28
C VAL B 254 -5.93 17.66 -4.31
N ASP B 255 -5.21 16.98 -3.42
CA ASP B 255 -3.75 16.98 -3.48
C ASP B 255 -3.13 15.62 -3.81
N SER B 256 -3.99 14.63 -4.01
CA SER B 256 -3.60 13.33 -4.53
C SER B 256 -4.85 12.60 -4.99
N LEU B 257 -4.66 11.53 -5.77
CA LEU B 257 -5.79 10.75 -6.26
C LEU B 257 -5.32 9.34 -6.54
N GLU B 258 -6.24 8.39 -6.40
CA GLU B 258 -6.04 7.03 -6.86
C GLU B 258 -6.68 6.93 -8.24
N ILE B 259 -5.96 6.31 -9.17
CA ILE B 259 -6.44 6.13 -10.54
C ILE B 259 -6.32 4.68 -10.94
N PHE B 260 -7.46 4.06 -11.22
CA PHE B 260 -7.52 2.64 -11.54
C PHE B 260 -7.31 2.41 -13.03
N ALA B 261 -7.01 1.17 -13.39
CA ALA B 261 -6.72 0.79 -14.77
C ALA B 261 -7.77 1.31 -15.75
N GLY B 262 -7.33 2.16 -16.67
CA GLY B 262 -8.20 2.72 -17.71
C GLY B 262 -9.09 3.91 -17.37
N GLN B 263 -9.01 4.39 -16.14
CA GLN B 263 -9.66 5.66 -15.78
C GLN B 263 -8.86 6.84 -16.33
N ARG B 264 -9.56 7.98 -16.47
CA ARG B 264 -8.97 9.26 -16.86
C ARG B 264 -9.47 10.38 -15.96
N TYR B 265 -8.61 11.36 -15.70
CA TYR B 265 -9.01 12.60 -15.04
C TYR B 265 -8.30 13.74 -15.77
N SER B 266 -9.01 14.85 -15.99
CA SER B 266 -8.39 16.13 -16.33
C SER B 266 -8.35 16.91 -15.04
N PHE B 267 -7.23 17.55 -14.75
CA PHE B 267 -7.16 18.41 -13.59
C PHE B 267 -6.42 19.67 -13.97
N ILE B 268 -6.81 20.79 -13.38
CA ILE B 268 -6.07 22.03 -13.56
C ILE B 268 -4.90 22.10 -12.58
N LEU B 269 -3.73 22.44 -13.11
CA LEU B 269 -2.57 22.78 -12.30
C LEU B 269 -2.26 24.26 -12.53
N ASN B 270 -2.24 25.03 -11.46
CA ASN B 270 -1.81 26.42 -11.52
C ASN B 270 -0.33 26.47 -11.20
N ALA B 271 0.48 26.92 -12.16
CA ALA B 271 1.93 26.96 -11.97
C ALA B 271 2.34 28.24 -11.25
N ASN B 272 1.93 28.32 -9.99
CA ASN B 272 2.06 29.54 -9.19
C ASN B 272 3.11 29.35 -8.09
N GLN B 273 3.78 28.20 -8.07
CA GLN B 273 4.84 27.94 -7.09
C GLN B 273 6.17 28.54 -7.51
N PRO B 274 7.17 28.57 -6.61
CA PRO B 274 8.48 29.07 -7.07
C PRO B 274 9.08 28.25 -8.21
N VAL B 275 9.81 28.94 -9.07
CA VAL B 275 10.55 28.31 -10.17
C VAL B 275 11.52 27.28 -9.60
N ASP B 276 11.30 26.01 -9.95
CA ASP B 276 12.02 24.88 -9.38
C ASP B 276 11.61 23.59 -10.08
N ASN B 277 12.20 22.47 -9.64
CA ASN B 277 11.85 21.14 -10.08
C ASN B 277 11.05 20.47 -8.96
N TYR B 278 9.92 19.87 -9.33
CA TYR B 278 9.01 19.24 -8.37
C TYR B 278 8.76 17.80 -8.77
N TRP B 279 8.75 16.89 -7.79
CA TRP B 279 8.46 15.49 -8.11
C TRP B 279 7.00 15.29 -8.50
N VAL B 280 6.81 14.57 -9.61
CA VAL B 280 5.51 14.03 -10.01
C VAL B 280 5.53 12.56 -9.59
N ARG B 281 4.54 12.12 -8.83
CA ARG B 281 4.60 10.77 -8.24
C ARG B 281 3.45 9.92 -8.76
N ALA B 282 3.77 8.70 -9.16
CA ALA B 282 2.73 7.71 -9.51
C ALA B 282 3.11 6.37 -8.90
N ASN B 283 2.59 6.12 -7.71
CA ASN B 283 3.01 5.00 -6.86
C ASN B 283 2.01 3.86 -7.01
N PRO B 284 2.48 2.70 -7.48
CA PRO B 284 1.53 1.58 -7.67
C PRO B 284 1.14 0.95 -6.33
N ASN B 285 0.05 0.20 -6.32
CA ASN B 285 -0.45 -0.37 -5.08
C ASN B 285 0.34 -1.61 -4.68
N PHE B 286 1.08 -2.19 -5.62
CA PHE B 286 1.99 -3.29 -5.27
C PHE B 286 3.10 -3.29 -6.29
N GLY B 287 4.15 -4.08 -6.06
CA GLY B 287 5.34 -4.05 -6.90
C GLY B 287 6.42 -3.30 -6.14
N ASN B 288 7.14 -2.41 -6.82
CA ASN B 288 8.05 -1.50 -6.15
C ASN B 288 7.24 -0.28 -5.73
N VAL B 289 7.01 -0.16 -4.43
CA VAL B 289 6.18 0.90 -3.89
C VAL B 289 7.12 1.85 -3.15
N GLY B 290 7.03 3.12 -3.49
CA GLY B 290 7.93 4.11 -2.89
C GLY B 290 8.70 4.79 -3.99
N PHE B 291 9.75 5.51 -3.62
CA PHE B 291 10.42 6.40 -4.57
C PHE B 291 11.94 6.34 -4.54
N THR B 292 12.49 5.28 -3.97
CA THR B 292 13.95 5.12 -3.96
C THR B 292 14.53 5.29 -5.36
N ASN B 293 15.59 6.09 -5.46
CA ASN B 293 16.25 6.38 -6.73
C ASN B 293 15.34 6.99 -7.79
N GLY B 294 14.22 7.59 -7.39
CA GLY B 294 13.36 8.22 -8.36
C GLY B 294 12.48 7.28 -9.17
N ILE B 295 12.31 6.05 -8.68
CA ILE B 295 11.31 5.17 -9.29
C ILE B 295 9.94 5.79 -9.09
N ASN B 296 8.98 5.38 -9.92
CA ASN B 296 7.58 5.81 -9.79
C ASN B 296 7.46 7.33 -9.83
N SER B 297 8.34 7.97 -10.60
CA SER B 297 8.47 9.43 -10.57
C SER B 297 8.73 10.05 -11.94
N ALA B 298 8.33 11.32 -12.05
CA ALA B 298 8.73 12.20 -13.14
C ALA B 298 9.02 13.59 -12.56
N ILE B 299 9.45 14.53 -13.41
CA ILE B 299 9.81 15.87 -12.95
C ILE B 299 8.87 16.92 -13.56
N LEU B 300 8.30 17.75 -12.70
CA LEU B 300 7.60 18.95 -13.12
C LEU B 300 8.63 20.07 -13.08
N ARG B 301 9.02 20.55 -14.25
CA ARG B 301 10.09 21.55 -14.33
C ARG B 301 9.57 22.89 -14.81
N TYR B 302 9.69 23.91 -13.95
CA TYR B 302 9.38 25.28 -14.33
C TYR B 302 10.43 25.83 -15.29
N ASP B 303 9.97 26.52 -16.32
CA ASP B 303 10.86 27.33 -17.17
C ASP B 303 11.82 28.13 -16.30
N GLY B 304 13.12 27.95 -16.52
CA GLY B 304 14.14 28.69 -15.81
C GLY B 304 14.75 27.92 -14.65
N ALA B 305 14.10 26.83 -14.24
CA ALA B 305 14.64 25.96 -13.21
C ALA B 305 15.88 25.26 -13.77
N ALA B 306 16.77 24.85 -12.88
CA ALA B 306 18.00 24.14 -13.27
C ALA B 306 17.64 22.79 -13.85
N VAL B 307 18.52 22.28 -14.71
CA VAL B 307 18.33 20.94 -15.26
C VAL B 307 18.86 19.98 -14.21
N ALA B 308 17.97 19.57 -13.31
CA ALA B 308 18.34 18.76 -12.17
C ALA B 308 17.11 17.98 -11.72
N GLU B 309 17.32 16.94 -10.91
CA GLU B 309 16.21 16.24 -10.29
C GLU B 309 15.75 17.02 -9.05
N PRO B 310 14.45 16.95 -8.72
CA PRO B 310 14.02 17.47 -7.43
C PRO B 310 14.79 16.76 -6.31
N ALA B 311 14.93 17.43 -5.18
CA ALA B 311 15.72 16.91 -4.07
C ALA B 311 15.08 15.64 -3.46
N THR B 312 15.92 14.71 -3.04
CA THR B 312 15.50 13.47 -2.37
C THR B 312 14.78 13.90 -1.09
N ALA B 313 13.57 13.42 -0.87
CA ALA B 313 12.70 13.96 0.18
C ALA B 313 11.88 12.82 0.78
N ILE B 314 11.57 12.89 2.08
CA ILE B 314 10.45 12.10 2.59
C ILE B 314 9.21 12.49 1.77
N PRO B 315 8.51 11.51 1.18
CA PRO B 315 7.35 11.84 0.36
C PRO B 315 6.30 12.58 1.18
N PRO B 316 5.71 13.64 0.60
CA PRO B 316 4.76 14.42 1.40
C PRO B 316 3.46 13.67 1.65
N ALA B 317 2.75 14.10 2.69
CA ALA B 317 1.52 13.45 3.13
C ALA B 317 0.33 14.17 2.50
N SER B 318 -0.60 13.41 1.96
CA SER B 318 -1.79 13.99 1.34
C SER B 318 -2.78 14.39 2.42
N VAL B 319 -3.33 15.59 2.33
CA VAL B 319 -4.34 16.05 3.28
C VAL B 319 -5.76 16.01 2.67
N THR B 320 -5.84 16.05 1.35
CA THR B 320 -7.13 16.09 0.68
C THR B 320 -7.14 15.11 -0.49
N PRO B 321 -7.04 13.80 -0.20
CA PRO B 321 -7.09 12.82 -1.28
C PRO B 321 -8.48 12.79 -1.93
N LEU B 322 -8.55 12.44 -3.22
CA LEU B 322 -9.81 12.34 -3.94
C LEU B 322 -10.71 11.22 -3.41
N LEU B 323 -11.95 11.59 -3.12
CA LEU B 323 -13.01 10.62 -2.93
C LEU B 323 -13.95 10.69 -4.14
N GLU B 324 -14.24 9.54 -4.73
CA GLU B 324 -15.16 9.48 -5.87
C GLU B 324 -16.53 10.07 -5.52
N THR B 325 -16.90 9.97 -4.25
CA THR B 325 -18.19 10.46 -3.76
C THR B 325 -18.23 11.99 -3.70
N ASP B 326 -17.07 12.60 -3.90
CA ASP B 326 -16.98 14.06 -3.94
C ASP B 326 -17.08 14.60 -5.36
N LEU B 327 -17.03 13.73 -6.36
CA LEU B 327 -17.21 14.15 -7.75
C LEU B 327 -18.69 14.21 -8.15
N HIS B 328 -19.07 15.29 -8.84
CA HIS B 328 -20.44 15.50 -9.31
C HIS B 328 -20.44 16.00 -10.74
N PRO B 329 -21.45 15.59 -11.54
CA PRO B 329 -21.59 16.02 -12.92
C PRO B 329 -21.67 17.54 -13.03
N LEU B 330 -20.95 18.12 -13.98
CA LEU B 330 -21.07 19.56 -14.20
C LEU B 330 -22.50 20.00 -14.52
N VAL B 331 -23.15 19.27 -15.42
CA VAL B 331 -24.54 19.53 -15.78
C VAL B 331 -25.47 18.65 -14.95
N SER B 332 -26.54 19.22 -14.41
CA SER B 332 -27.61 18.44 -13.81
C SER B 332 -28.01 17.29 -14.74
N THR B 333 -27.81 16.07 -14.26
CA THR B 333 -28.09 14.87 -15.06
C THR B 333 -29.01 14.00 -14.21
N PRO B 334 -30.28 13.85 -14.63
CA PRO B 334 -31.15 12.95 -13.87
C PRO B 334 -30.60 11.53 -13.81
N VAL B 335 -30.61 10.93 -12.62
CA VAL B 335 -30.24 9.53 -12.45
C VAL B 335 -31.41 8.66 -12.94
N PRO B 336 -31.12 7.69 -13.83
CA PRO B 336 -32.16 6.81 -14.36
C PRO B 336 -32.92 6.05 -13.26
N GLY B 337 -34.20 5.83 -13.47
CA GLY B 337 -35.03 5.11 -12.53
C GLY B 337 -35.45 6.01 -11.37
N SER B 338 -35.91 5.39 -10.29
CA SER B 338 -36.33 6.14 -9.11
C SER B 338 -35.36 5.98 -7.94
N PRO B 339 -35.38 6.94 -6.98
CA PRO B 339 -34.44 6.99 -5.88
C PRO B 339 -34.63 5.93 -4.78
N VAL B 340 -34.65 4.66 -5.18
CA VAL B 340 -34.77 3.52 -4.28
C VAL B 340 -34.02 2.33 -4.88
N ALA B 341 -33.47 1.48 -4.03
CA ALA B 341 -32.74 0.30 -4.48
C ALA B 341 -33.62 -0.60 -5.34
N GLY B 342 -33.12 -0.97 -6.52
CA GLY B 342 -33.88 -1.76 -7.49
C GLY B 342 -34.99 -1.03 -8.23
N GLY B 343 -35.00 0.30 -8.14
CA GLY B 343 -36.00 1.13 -8.80
C GLY B 343 -35.63 1.39 -10.25
N VAL B 344 -35.54 0.32 -11.04
CA VAL B 344 -35.20 0.40 -12.45
C VAL B 344 -36.05 -0.64 -13.16
N ASP B 345 -35.93 -0.73 -14.48
CA ASP B 345 -36.65 -1.75 -15.24
C ASP B 345 -36.00 -3.13 -15.06
N LYS B 346 -34.67 -3.16 -15.01
CA LYS B 346 -33.91 -4.40 -14.95
C LYS B 346 -32.72 -4.27 -13.97
N ALA B 347 -32.79 -4.95 -12.84
CA ALA B 347 -31.70 -4.95 -11.87
C ALA B 347 -30.98 -6.30 -11.83
N LEU B 348 -29.65 -6.24 -11.88
CA LEU B 348 -28.83 -7.44 -11.93
C LEU B 348 -27.74 -7.35 -10.87
N ASN B 349 -27.57 -8.42 -10.11
CA ASN B 349 -26.48 -8.56 -9.15
C ASN B 349 -25.46 -9.57 -9.67
N PHE B 350 -24.18 -9.26 -9.51
CA PHE B 350 -23.11 -10.13 -10.00
C PHE B 350 -22.32 -10.75 -8.85
N VAL B 351 -22.33 -12.08 -8.82
CA VAL B 351 -21.63 -12.87 -7.82
C VAL B 351 -20.32 -13.34 -8.44
N PHE B 352 -19.20 -12.89 -7.87
CA PHE B 352 -17.88 -13.22 -8.40
C PHE B 352 -17.31 -14.46 -7.73
N ASN B 353 -16.45 -15.19 -8.44
CA ASN B 353 -15.78 -16.38 -7.90
C ASN B 353 -14.50 -16.64 -8.67
N PHE B 354 -13.69 -17.58 -8.20
CA PHE B 354 -12.38 -17.86 -8.78
C PHE B 354 -12.01 -19.25 -8.32
N ASP B 355 -11.40 -20.03 -9.20
CA ASP B 355 -11.06 -21.43 -8.88
C ASP B 355 -9.55 -21.68 -8.84
N GLY B 356 -8.76 -20.61 -8.80
CA GLY B 356 -7.30 -20.74 -8.84
C GLY B 356 -6.73 -20.54 -10.23
N THR B 357 -7.56 -20.73 -11.25
CA THR B 357 -7.15 -20.53 -12.64
C THR B 357 -8.03 -19.50 -13.37
N ASN B 358 -9.35 -19.61 -13.19
CA ASN B 358 -10.34 -18.78 -13.89
C ASN B 358 -11.26 -18.04 -12.94
N PHE B 359 -11.63 -16.82 -13.32
CA PHE B 359 -12.64 -16.05 -12.61
C PHE B 359 -14.01 -16.34 -13.18
N PHE B 360 -15.04 -16.13 -12.38
CA PHE B 360 -16.41 -16.46 -12.76
C PHE B 360 -17.30 -15.30 -12.38
N ILE B 361 -18.31 -15.06 -13.22
CA ILE B 361 -19.37 -14.12 -12.90
C ILE B 361 -20.67 -14.92 -12.99
N ASN B 362 -21.41 -14.99 -11.89
CA ASN B 362 -22.60 -15.82 -11.81
C ASN B 362 -22.36 -17.23 -12.36
N ASP B 363 -21.26 -17.82 -11.91
CA ASP B 363 -20.87 -19.19 -12.26
C ASP B 363 -20.49 -19.40 -13.73
N ALA B 364 -20.18 -18.33 -14.45
CA ALA B 364 -19.69 -18.45 -15.82
C ALA B 364 -18.35 -17.77 -15.98
N THR B 365 -17.43 -18.43 -16.68
CA THR B 365 -16.15 -17.80 -16.99
C THR B 365 -16.12 -17.52 -18.49
N PHE B 366 -15.67 -16.33 -18.86
CA PHE B 366 -15.67 -15.94 -20.26
C PHE B 366 -14.52 -16.62 -21.00
N THR B 367 -14.84 -17.38 -22.03
CA THR B 367 -13.81 -17.84 -22.95
C THR B 367 -14.23 -17.37 -24.33
N PRO B 368 -13.30 -16.74 -25.06
CA PRO B 368 -13.63 -16.11 -26.35
C PRO B 368 -14.19 -17.15 -27.33
N PRO B 369 -15.38 -16.89 -27.91
CA PRO B 369 -15.99 -17.81 -28.88
C PRO B 369 -15.31 -17.70 -30.24
N SER B 370 -15.29 -18.77 -31.02
CA SER B 370 -14.61 -18.70 -32.31
C SER B 370 -15.35 -17.81 -33.32
N VAL B 371 -16.67 -17.76 -33.21
CA VAL B 371 -17.47 -16.78 -33.94
C VAL B 371 -17.74 -15.58 -33.03
N PRO B 372 -17.30 -14.39 -33.44
CA PRO B 372 -17.52 -13.23 -32.56
C PRO B 372 -18.99 -13.03 -32.21
N VAL B 373 -19.25 -12.58 -30.99
CA VAL B 373 -20.62 -12.41 -30.53
C VAL B 373 -21.47 -11.59 -31.53
N LEU B 374 -20.94 -10.48 -32.05
CA LEU B 374 -21.69 -9.66 -32.99
C LEU B 374 -22.09 -10.44 -34.24
N LEU B 375 -21.16 -11.22 -34.79
CA LEU B 375 -21.43 -12.07 -35.94
C LEU B 375 -22.48 -13.13 -35.66
N GLN B 376 -22.48 -13.68 -34.44
CA GLN B 376 -23.50 -14.66 -34.07
C GLN B 376 -24.88 -13.99 -34.15
N ILE B 377 -24.94 -12.76 -33.66
CA ILE B 377 -26.20 -12.01 -33.68
C ILE B 377 -26.64 -11.72 -35.11
N LEU B 378 -25.73 -11.17 -35.92
CA LEU B 378 -26.06 -10.86 -37.31
C LEU B 378 -26.43 -12.09 -38.12
N SER B 379 -25.85 -13.24 -37.77
CA SER B 379 -26.18 -14.49 -38.46
C SER B 379 -27.53 -15.08 -38.06
N GLY B 380 -28.16 -14.51 -37.03
CA GLY B 380 -29.56 -14.78 -36.75
C GLY B 380 -29.84 -15.52 -35.46
N ALA B 381 -28.87 -15.54 -34.55
CA ALA B 381 -29.10 -16.11 -33.23
C ALA B 381 -30.25 -15.37 -32.57
N GLN B 382 -31.23 -16.12 -32.05
CA GLN B 382 -32.51 -15.54 -31.65
C GLN B 382 -32.57 -14.92 -30.25
N ALA B 383 -31.91 -15.55 -29.27
CA ALA B 383 -31.88 -15.05 -27.90
C ALA B 383 -30.48 -15.20 -27.30
N ALA B 384 -30.22 -14.48 -26.21
CA ALA B 384 -28.88 -14.46 -25.62
C ALA B 384 -28.43 -15.81 -25.05
N GLN B 385 -29.39 -16.63 -24.67
CA GLN B 385 -29.14 -18.01 -24.25
C GLN B 385 -28.55 -18.87 -25.35
N ASP B 386 -28.87 -18.55 -26.61
CA ASP B 386 -28.28 -19.22 -27.78
C ASP B 386 -26.87 -18.72 -28.11
N LEU B 387 -26.47 -17.60 -27.52
CA LEU B 387 -25.16 -17.00 -27.83
C LEU B 387 -24.02 -17.63 -27.05
N LEU B 388 -22.86 -17.74 -27.69
CA LEU B 388 -21.67 -18.34 -27.10
C LEU B 388 -20.68 -17.25 -26.68
N PRO B 389 -19.97 -17.45 -25.55
CA PRO B 389 -19.96 -18.62 -24.66
C PRO B 389 -21.17 -18.71 -23.75
N SER B 390 -21.75 -19.90 -23.66
CA SER B 390 -22.97 -20.11 -22.91
C SER B 390 -22.86 -19.67 -21.45
N GLY B 391 -23.82 -18.87 -21.00
CA GLY B 391 -23.82 -18.37 -19.63
C GLY B 391 -23.10 -17.06 -19.41
N SER B 392 -22.33 -16.61 -20.42
CA SER B 392 -21.55 -15.38 -20.31
C SER B 392 -22.21 -14.21 -21.03
N VAL B 393 -23.20 -14.52 -21.87
CA VAL B 393 -23.88 -13.49 -22.65
C VAL B 393 -25.28 -13.23 -22.09
N ILE B 394 -25.50 -12.01 -21.65
CA ILE B 394 -26.67 -11.63 -20.87
C ILE B 394 -27.50 -10.62 -21.65
N PRO B 395 -28.78 -10.95 -21.91
CA PRO B 395 -29.57 -10.00 -22.70
C PRO B 395 -29.96 -8.79 -21.84
N LEU B 396 -30.09 -7.62 -22.47
CA LEU B 396 -30.69 -6.47 -21.81
C LEU B 396 -31.81 -5.97 -22.72
N PRO B 397 -32.97 -5.62 -22.12
CA PRO B 397 -34.07 -5.08 -22.91
C PRO B 397 -33.75 -3.66 -23.38
N ALA B 398 -34.24 -3.29 -24.56
CA ALA B 398 -34.01 -1.97 -25.15
C ALA B 398 -34.69 -0.85 -24.37
N LEU B 399 -34.13 0.35 -24.47
CA LEU B 399 -34.79 1.57 -23.99
C LEU B 399 -35.24 1.45 -22.53
N SER B 400 -34.37 0.87 -21.69
CA SER B 400 -34.70 0.56 -20.30
C SER B 400 -33.64 1.06 -19.33
N THR B 401 -34.08 1.28 -18.10
CA THR B 401 -33.16 1.66 -17.02
C THR B 401 -32.59 0.40 -16.38
N ILE B 402 -31.27 0.39 -16.24
CA ILE B 402 -30.55 -0.76 -15.70
C ILE B 402 -29.84 -0.42 -14.41
N GLU B 403 -29.87 -1.33 -13.44
CA GLU B 403 -29.03 -1.21 -12.25
C GLU B 403 -28.18 -2.48 -12.08
N LEU B 404 -26.87 -2.28 -11.98
CA LEU B 404 -25.93 -3.39 -11.76
C LEU B 404 -25.20 -3.23 -10.43
N SER B 405 -25.16 -4.30 -9.64
CA SER B 405 -24.39 -4.30 -8.41
C SER B 405 -23.25 -5.32 -8.49
N PHE B 406 -22.09 -4.93 -7.97
CA PHE B 406 -20.86 -5.74 -8.05
C PHE B 406 -20.30 -5.96 -6.64
N PRO B 407 -21.02 -6.71 -5.79
CA PRO B 407 -20.55 -6.86 -4.41
C PRO B 407 -19.15 -7.49 -4.30
N ALA B 408 -18.22 -6.80 -3.62
CA ALA B 408 -16.86 -7.30 -3.44
C ALA B 408 -16.89 -8.58 -2.59
N THR B 409 -16.06 -9.55 -2.96
CA THR B 409 -16.07 -10.83 -2.25
C THR B 409 -14.67 -11.43 -2.23
N ALA B 410 -14.32 -12.05 -1.11
CA ALA B 410 -13.06 -12.78 -1.01
C ALA B 410 -12.99 -13.97 -1.96
N ASN B 411 -14.14 -14.42 -2.48
CA ASN B 411 -14.14 -15.44 -3.52
C ASN B 411 -13.50 -15.01 -4.84
N ALA B 412 -13.30 -13.70 -5.02
CA ALA B 412 -12.58 -13.19 -6.19
C ALA B 412 -11.40 -12.37 -5.70
N PRO B 413 -10.27 -13.04 -5.38
CA PRO B 413 -9.11 -12.28 -4.92
C PRO B 413 -8.49 -11.43 -6.02
N GLY B 414 -7.58 -10.56 -5.63
CA GLY B 414 -7.00 -9.58 -6.53
C GLY B 414 -7.72 -8.25 -6.44
N VAL B 415 -8.46 -8.02 -5.36
CA VAL B 415 -9.18 -6.76 -5.11
C VAL B 415 -8.21 -5.58 -4.96
N PRO B 416 -8.64 -4.35 -5.27
CA PRO B 416 -9.99 -4.04 -5.78
C PRO B 416 -10.03 -4.20 -7.31
N HIS B 417 -11.12 -4.78 -7.82
CA HIS B 417 -11.30 -5.00 -9.25
C HIS B 417 -11.97 -3.80 -9.92
N PRO B 418 -11.27 -3.12 -10.86
CA PRO B 418 -11.93 -2.02 -11.53
C PRO B 418 -12.77 -2.50 -12.73
N PHE B 419 -14.09 -2.38 -12.64
CA PHE B 419 -14.95 -2.88 -13.69
C PHE B 419 -15.23 -1.82 -14.73
N HIS B 420 -15.34 -2.27 -15.98
CA HIS B 420 -15.53 -1.39 -17.11
C HIS B 420 -16.65 -1.89 -18.02
N LEU B 421 -17.56 -1.00 -18.37
CA LEU B 421 -18.63 -1.33 -19.31
C LEU B 421 -18.37 -0.64 -20.65
N HIS B 422 -18.34 -1.42 -21.73
CA HIS B 422 -18.28 -0.82 -23.07
C HIS B 422 -19.61 -0.18 -23.48
N GLY B 423 -19.56 0.78 -24.40
CA GLY B 423 -20.76 1.30 -25.03
C GLY B 423 -21.53 2.30 -24.18
N HIS B 424 -21.05 2.60 -22.98
CA HIS B 424 -21.87 3.37 -22.04
C HIS B 424 -21.01 4.07 -21.00
N THR B 425 -21.53 5.17 -20.48
CA THR B 425 -21.10 5.68 -19.17
C THR B 425 -22.23 5.36 -18.22
N PHE B 426 -21.94 5.35 -16.92
CA PHE B 426 -22.94 4.94 -15.96
C PHE B 426 -22.83 5.82 -14.73
N ALA B 427 -23.95 5.98 -14.02
CA ALA B 427 -23.97 6.71 -12.77
C ALA B 427 -23.48 5.80 -11.64
N VAL B 428 -22.48 6.26 -10.89
CA VAL B 428 -21.98 5.50 -9.76
C VAL B 428 -22.79 5.85 -8.52
N VAL B 429 -23.90 5.13 -8.38
CA VAL B 429 -24.84 5.33 -7.28
C VAL B 429 -24.19 4.99 -5.94
N ARG B 430 -23.40 3.92 -5.89
CA ARG B 430 -22.61 3.66 -4.68
C ARG B 430 -21.16 3.37 -5.07
N SER B 431 -20.24 4.10 -4.45
CA SER B 431 -18.81 3.96 -4.68
C SER B 431 -18.15 3.00 -3.70
N ALA B 432 -16.95 2.54 -4.03
CA ALA B 432 -16.13 1.78 -3.09
C ALA B 432 -15.74 2.66 -1.89
N GLY B 433 -15.72 2.05 -0.71
CA GLY B 433 -15.32 2.76 0.52
C GLY B 433 -16.43 3.62 1.09
N SER B 434 -17.65 3.43 0.59
CA SER B 434 -18.79 4.23 0.97
C SER B 434 -20.03 3.35 1.11
N THR B 435 -20.83 3.61 2.14
CA THR B 435 -22.10 2.90 2.32
C THR B 435 -23.30 3.67 1.76
N ALA B 436 -23.07 4.89 1.29
CA ALA B 436 -24.14 5.75 0.77
C ALA B 436 -24.62 5.34 -0.62
N TYR B 437 -25.93 5.50 -0.85
CA TYR B 437 -26.50 5.43 -2.20
C TYR B 437 -26.89 6.85 -2.60
N ASN B 438 -26.39 7.30 -3.75
CA ASN B 438 -26.65 8.65 -4.22
C ASN B 438 -27.49 8.59 -5.50
N TYR B 439 -28.79 8.87 -5.37
CA TYR B 439 -29.68 8.91 -6.52
C TYR B 439 -29.88 10.34 -7.02
N GLU B 440 -29.10 11.26 -6.50
CA GLU B 440 -29.29 12.68 -6.80
C GLU B 440 -28.25 13.20 -7.80
N ASP B 441 -26.97 13.16 -7.43
CA ASP B 441 -25.92 13.73 -8.27
C ASP B 441 -24.63 12.91 -8.33
N PRO B 442 -24.74 11.58 -8.49
CA PRO B 442 -23.51 10.76 -8.51
C PRO B 442 -22.71 11.04 -9.76
N VAL B 443 -21.40 10.77 -9.71
CA VAL B 443 -20.50 10.95 -10.83
C VAL B 443 -20.85 9.97 -11.96
N TRP B 444 -20.63 10.39 -13.21
CA TRP B 444 -20.74 9.52 -14.39
C TRP B 444 -19.36 9.09 -14.87
N ARG B 445 -19.15 7.80 -15.07
CA ARG B 445 -17.86 7.32 -15.56
C ARG B 445 -17.93 6.01 -16.32
N ASP B 446 -16.78 5.46 -16.71
CA ASP B 446 -16.83 4.17 -17.42
C ASP B 446 -15.98 3.07 -16.83
N VAL B 447 -15.14 3.41 -15.86
CA VAL B 447 -14.39 2.40 -15.10
C VAL B 447 -14.58 2.71 -13.64
N VAL B 448 -14.94 1.72 -12.83
CA VAL B 448 -15.21 1.93 -11.41
C VAL B 448 -14.56 0.84 -10.57
N SER B 449 -13.87 1.24 -9.49
CA SER B 449 -13.37 0.27 -8.53
C SER B 449 -14.54 -0.37 -7.81
N THR B 450 -14.53 -1.70 -7.74
CA THR B 450 -15.56 -2.41 -6.97
C THR B 450 -15.12 -2.67 -5.53
N GLY B 451 -13.96 -2.15 -5.12
CA GLY B 451 -13.55 -2.15 -3.71
C GLY B 451 -13.25 -3.51 -3.12
N THR B 452 -13.58 -3.69 -1.84
CA THR B 452 -13.10 -4.84 -1.08
C THR B 452 -14.16 -5.39 -0.14
N PRO B 453 -14.12 -6.71 0.11
CA PRO B 453 -15.07 -7.28 1.06
C PRO B 453 -14.81 -6.78 2.49
N ALA B 454 -13.58 -6.40 2.81
CA ALA B 454 -13.26 -5.81 4.12
C ALA B 454 -14.11 -4.58 4.45
N ALA B 455 -14.49 -3.82 3.42
CA ALA B 455 -15.32 -2.64 3.61
C ALA B 455 -16.80 -2.96 3.42
N GLY B 456 -17.11 -4.23 3.16
CA GLY B 456 -18.47 -4.63 2.80
C GLY B 456 -19.00 -3.86 1.59
N ASP B 457 -18.12 -3.56 0.65
CA ASP B 457 -18.45 -2.80 -0.57
C ASP B 457 -19.53 -3.47 -1.40
N ASN B 458 -20.39 -2.67 -2.02
CA ASN B 458 -21.37 -3.16 -2.99
C ASN B 458 -21.60 -2.05 -4.00
N VAL B 459 -20.59 -1.83 -4.83
CA VAL B 459 -20.60 -0.82 -5.87
C VAL B 459 -21.74 -1.08 -6.86
N THR B 460 -22.54 -0.03 -7.06
CA THR B 460 -23.81 -0.12 -7.77
C THR B 460 -23.87 1.03 -8.78
N ILE B 461 -24.21 0.70 -10.02
CA ILE B 461 -24.19 1.63 -11.14
C ILE B 461 -25.50 1.59 -11.93
N ARG B 462 -25.82 2.66 -12.63
CA ARG B 462 -27.04 2.72 -13.42
C ARG B 462 -26.78 3.32 -14.78
N PHE B 463 -27.55 2.88 -15.77
CA PHE B 463 -27.50 3.42 -17.12
C PHE B 463 -28.77 3.08 -17.90
N VAL B 464 -28.96 3.73 -19.05
CA VAL B 464 -30.09 3.45 -19.93
C VAL B 464 -29.62 2.68 -21.18
N THR B 465 -30.40 1.68 -21.60
CA THR B 465 -30.06 0.87 -22.77
C THR B 465 -30.44 1.56 -24.08
N ASP B 466 -29.65 2.56 -24.44
CA ASP B 466 -29.88 3.38 -25.63
C ASP B 466 -28.96 2.97 -26.79
N ASN B 467 -28.36 1.80 -26.72
CA ASN B 467 -27.25 1.48 -27.63
C ASN B 467 -27.21 0.02 -28.06
N PRO B 468 -28.02 -0.36 -29.06
CA PRO B 468 -28.10 -1.77 -29.47
C PRO B 468 -26.77 -2.38 -29.89
N GLY B 469 -26.51 -3.58 -29.37
CA GLY B 469 -25.31 -4.33 -29.72
C GLY B 469 -24.72 -5.07 -28.53
N PRO B 470 -23.74 -5.94 -28.80
CA PRO B 470 -23.07 -6.71 -27.76
C PRO B 470 -21.91 -5.92 -27.17
N TRP B 471 -21.94 -5.69 -25.86
CA TRP B 471 -20.95 -4.87 -25.16
C TRP B 471 -20.30 -5.63 -24.01
N PHE B 472 -18.97 -5.66 -24.02
CA PHE B 472 -18.19 -6.21 -22.91
C PHE B 472 -18.46 -5.49 -21.58
N LEU B 473 -18.52 -6.28 -20.51
CA LEU B 473 -18.42 -5.78 -19.14
C LEU B 473 -17.39 -6.66 -18.43
N HIS B 474 -16.30 -6.07 -17.92
CA HIS B 474 -15.21 -6.87 -17.38
C HIS B 474 -14.33 -6.10 -16.41
N CYS B 475 -13.55 -6.86 -15.63
CA CYS B 475 -12.48 -6.29 -14.85
C CYS B 475 -11.40 -5.77 -15.80
N HIS B 476 -10.94 -4.54 -15.62
CA HIS B 476 -9.94 -3.95 -16.52
C HIS B 476 -8.51 -4.31 -16.09
N ILE B 477 -8.37 -5.18 -15.09
CA ILE B 477 -7.07 -5.78 -14.85
C ILE B 477 -6.90 -6.86 -15.92
N ASP B 478 -5.99 -6.63 -16.86
CA ASP B 478 -5.96 -7.42 -18.09
C ASP B 478 -5.71 -8.90 -17.86
N PHE B 479 -4.91 -9.22 -16.83
CA PHE B 479 -4.67 -10.62 -16.45
C PHE B 479 -5.92 -11.32 -15.92
N HIS B 480 -6.80 -10.55 -15.29
CA HIS B 480 -8.09 -11.10 -14.86
C HIS B 480 -9.07 -11.31 -16.02
N LEU B 481 -9.11 -10.34 -16.94
CA LEU B 481 -9.93 -10.52 -18.15
C LEU B 481 -9.50 -11.76 -18.92
N GLU B 482 -8.20 -11.92 -19.13
CA GLU B 482 -7.63 -13.12 -19.78
C GLU B 482 -8.08 -14.40 -19.05
N ALA B 483 -8.24 -14.32 -17.74
CA ALA B 483 -8.67 -15.45 -16.93
C ALA B 483 -10.19 -15.54 -16.82
N GLY B 484 -10.89 -14.77 -17.66
CA GLY B 484 -12.32 -14.94 -17.90
C GLY B 484 -13.26 -14.09 -17.08
N PHE B 485 -12.74 -13.04 -16.43
CA PHE B 485 -13.53 -12.19 -15.53
C PHE B 485 -14.31 -11.16 -16.36
N ALA B 486 -15.32 -11.62 -17.08
CA ALA B 486 -16.04 -10.82 -18.05
C ALA B 486 -17.38 -11.44 -18.38
N VAL B 487 -18.35 -10.59 -18.72
CA VAL B 487 -19.59 -10.98 -19.38
C VAL B 487 -19.78 -10.08 -20.59
N VAL B 488 -20.74 -10.44 -21.45
CA VAL B 488 -21.11 -9.60 -22.58
C VAL B 488 -22.61 -9.34 -22.46
N PHE B 489 -23.02 -8.06 -22.47
CA PHE B 489 -24.45 -7.78 -22.57
C PHE B 489 -24.85 -7.76 -24.04
N ALA B 490 -25.84 -8.58 -24.39
CA ALA B 490 -26.51 -8.43 -25.69
C ALA B 490 -27.65 -7.45 -25.49
N GLU B 491 -27.35 -6.16 -25.70
CA GLU B 491 -28.31 -5.09 -25.51
C GLU B 491 -29.21 -4.94 -26.73
N ASP B 492 -30.52 -4.94 -26.52
CA ASP B 492 -31.45 -4.83 -27.64
C ASP B 492 -31.08 -5.74 -28.82
N LEU B 493 -31.07 -7.04 -28.52
CA LEU B 493 -30.82 -8.07 -29.52
C LEU B 493 -31.69 -7.89 -30.77
N PRO B 494 -33.02 -7.76 -30.60
CA PRO B 494 -33.90 -7.59 -31.77
C PRO B 494 -33.51 -6.42 -32.68
N GLY B 495 -33.08 -5.32 -32.09
CA GLY B 495 -32.67 -4.13 -32.85
C GLY B 495 -31.23 -4.06 -33.30
N THR B 496 -30.42 -5.06 -32.97
CA THR B 496 -28.98 -5.01 -33.24
C THR B 496 -28.58 -5.00 -34.72
N PRO B 497 -29.18 -5.89 -35.54
CA PRO B 497 -28.82 -5.87 -36.96
C PRO B 497 -29.13 -4.54 -37.66
N ALA B 498 -30.31 -3.98 -37.39
CA ALA B 498 -30.72 -2.74 -38.05
C ALA B 498 -29.88 -1.55 -37.58
N ALA B 499 -29.47 -1.57 -36.31
CA ALA B 499 -28.66 -0.50 -35.74
C ALA B 499 -27.22 -0.52 -36.21
N ASN B 500 -26.71 -1.71 -36.53
CA ASN B 500 -25.27 -1.87 -36.82
C ASN B 500 -24.94 -2.49 -38.18
N PRO B 501 -25.19 -1.76 -39.28
CA PRO B 501 -24.72 -2.29 -40.57
C PRO B 501 -23.21 -2.41 -40.57
N VAL B 502 -22.70 -3.47 -41.17
CA VAL B 502 -21.27 -3.76 -41.09
C VAL B 502 -20.61 -3.65 -42.46
N PRO B 503 -19.36 -3.16 -42.50
CA PRO B 503 -18.66 -3.06 -43.78
C PRO B 503 -18.11 -4.42 -44.19
N GLN B 504 -17.95 -4.63 -45.50
CA GLN B 504 -17.40 -5.88 -46.03
C GLN B 504 -16.01 -6.20 -45.46
N SER B 505 -15.21 -5.17 -45.24
CA SER B 505 -13.89 -5.37 -44.63
C SER B 505 -14.01 -6.03 -43.25
N TRP B 506 -15.04 -5.67 -42.48
CA TRP B 506 -15.26 -6.34 -41.21
C TRP B 506 -15.66 -7.80 -41.40
N SER B 507 -16.58 -8.06 -42.32
CA SER B 507 -17.01 -9.42 -42.63
C SER B 507 -15.85 -10.31 -43.05
N ASP B 508 -14.84 -9.74 -43.72
CA ASP B 508 -13.68 -10.50 -44.17
C ASP B 508 -12.69 -10.88 -43.06
N LEU B 509 -12.74 -10.20 -41.92
CA LEU B 509 -11.77 -10.47 -40.85
C LEU B 509 -11.79 -11.92 -40.37
N CYS B 510 -12.97 -12.49 -40.18
CA CYS B 510 -13.02 -13.86 -39.67
C CYS B 510 -12.46 -14.92 -40.64
N PRO B 511 -12.86 -14.90 -41.93
CA PRO B 511 -12.30 -15.89 -42.84
C PRO B 511 -10.78 -15.80 -42.90
N ILE B 512 -10.24 -14.59 -42.97
CA ILE B 512 -8.81 -14.37 -43.02
C ILE B 512 -8.12 -14.87 -41.75
N TYR B 513 -8.69 -14.53 -40.59
CA TYR B 513 -8.08 -14.94 -39.33
C TYR B 513 -8.15 -16.45 -39.16
N ASP B 514 -9.30 -17.03 -39.52
CA ASP B 514 -9.55 -18.46 -39.32
C ASP B 514 -8.67 -19.34 -40.20
N ALA B 515 -8.10 -18.74 -41.23
CA ALA B 515 -7.20 -19.46 -42.12
C ALA B 515 -5.78 -19.57 -41.58
N LEU B 516 -5.46 -18.84 -40.52
CA LEU B 516 -4.10 -18.83 -39.97
C LEU B 516 -3.77 -20.10 -39.19
N ALA B 517 -2.56 -20.62 -39.39
CA ALA B 517 -2.03 -21.61 -38.45
C ALA B 517 -1.83 -20.98 -37.06
N GLU B 518 -1.82 -21.81 -36.01
CA GLU B 518 -1.62 -21.30 -34.66
C GLU B 518 -0.38 -20.40 -34.50
N ASP B 519 0.76 -20.79 -35.05
CA ASP B 519 1.98 -19.99 -34.89
C ASP B 519 1.92 -18.65 -35.63
N ASP B 520 0.91 -18.45 -36.47
CA ASP B 520 0.78 -17.19 -37.21
C ASP B 520 -0.28 -16.28 -36.63
N GLN B 521 -0.93 -16.72 -35.55
CA GLN B 521 -1.92 -15.91 -34.85
C GLN B 521 -1.30 -14.85 -33.94
#